data_7PCL
#
_entry.id   7PCL
#
_cell.length_a   75.710
_cell.length_b   84.040
_cell.length_c   101.830
_cell.angle_alpha   90.000
_cell.angle_beta   90.000
_cell.angle_gamma   90.000
#
_symmetry.space_group_name_H-M   'P 21 21 21'
#
loop_
_entity.id
_entity.type
_entity.pdbx_description
1 polymer 'Ketol-acid reductoisomerase'
2 non-polymer NICOTINAMIDE-ADENINE-DINUCLEOTIDE
3 non-polymer 'MAGNESIUM ION'
4 non-polymer '(2S)-2-oxidanyl-2-[oxidanyl(propan-2-yl)amino]ethanoic acid'
5 water water
#
_entity_poly.entity_id   1
_entity_poly.type   'polypeptide(L)'
_entity_poly.pdbx_seq_one_letter_code
;GSHMASNDLIYQDEHASLQPLEGRTVAVIGYGIQGRAFAANLRDSGVAVRVGNIDDRYFELARAEGHRVTNIAEAVAHAD
IVLLLIPDEAHGAVFDVDIAPNLRDGALLCVAHGHSLVQGDVRPLPGRDLAMLAPRMYGDPIRRYYLAGQGAPAYFDIVA
DHTGRARDRVLAIARAVGFTRAGVMALGYRQETFLDLFQEQFLAPALVDLVETGFQVLVERGFNPKAALLEVYGSGEMGK
MMLDGADIGLDEVVALQGSPTCQVGYHRWRGRTLPTAVRELAARVLDQIEGGDFSAYLKEQASNDYASLDDARRAALKRP
LNVAHAQVRAAFRFPTEAAGGLYQAAQAPADVEPEAAR
;
_entity_poly.pdbx_strand_id   A,B
#
loop_
_chem_comp.id
_chem_comp.type
_chem_comp.name
_chem_comp.formula
76I non-polymer '(2S)-2-oxidanyl-2-[oxidanyl(propan-2-yl)amino]ethanoic acid' 'C5 H11 N O4'
MG non-polymer 'MAGNESIUM ION' 'Mg 2'
NAD non-polymer NICOTINAMIDE-ADENINE-DINUCLEOTIDE 'C21 H27 N7 O14 P2'
#
# COMPACT_ATOMS: atom_id res chain seq x y z
N ASN A 7 -26.05 16.22 0.29
CA ASN A 7 -25.68 15.12 1.23
C ASN A 7 -25.64 13.79 0.45
N ASP A 8 -24.71 12.89 0.81
CA ASP A 8 -24.26 11.76 -0.05
C ASP A 8 -25.26 10.61 0.00
N LEU A 9 -25.52 10.00 -1.17
CA LEU A 9 -26.33 8.77 -1.35
C LEU A 9 -25.38 7.57 -1.50
N ILE A 10 -25.28 6.73 -0.48
CA ILE A 10 -24.34 5.58 -0.43
C ILE A 10 -25.11 4.28 -0.17
N TYR A 11 -25.02 3.34 -1.12
CA TYR A 11 -25.70 2.02 -1.10
C TYR A 11 -24.72 0.94 -0.61
N GLN A 12 -25.14 0.17 0.41
CA GLN A 12 -24.45 -1.06 0.86
C GLN A 12 -25.41 -2.24 0.60
N ASP A 13 -25.05 -3.45 1.04
CA ASP A 13 -25.77 -4.71 0.67
C ASP A 13 -27.26 -4.62 0.99
N GLU A 14 -27.64 -3.96 2.09
CA GLU A 14 -29.05 -3.88 2.57
C GLU A 14 -29.88 -2.97 1.65
N HIS A 15 -29.22 -2.18 0.79
CA HIS A 15 -29.86 -1.20 -0.13
C HIS A 15 -29.90 -1.73 -1.58
N ALA A 16 -29.53 -2.99 -1.79
CA ALA A 16 -29.50 -3.63 -3.14
C ALA A 16 -29.95 -5.09 -3.03
N SER A 17 -30.43 -5.66 -4.15
CA SER A 17 -30.80 -7.09 -4.28
C SER A 17 -30.43 -7.58 -5.68
N LEU A 18 -30.32 -8.90 -5.85
CA LEU A 18 -30.06 -9.56 -7.16
C LEU A 18 -31.39 -9.89 -7.85
N GLN A 19 -32.53 -9.53 -7.24
CA GLN A 19 -33.90 -9.79 -7.80
C GLN A 19 -34.00 -9.21 -9.20
N PRO A 20 -33.52 -7.97 -9.46
CA PRO A 20 -33.56 -7.41 -10.82
C PRO A 20 -32.81 -8.20 -11.91
N LEU A 21 -31.88 -9.10 -11.55
CA LEU A 21 -31.07 -9.90 -12.52
C LEU A 21 -31.70 -11.28 -12.77
N GLU A 22 -32.76 -11.65 -12.04
CA GLU A 22 -33.49 -12.94 -12.22
C GLU A 22 -33.96 -13.04 -13.67
N GLY A 23 -33.58 -14.11 -14.37
CA GLY A 23 -33.98 -14.42 -15.76
C GLY A 23 -33.44 -13.41 -16.77
N ARG A 24 -32.40 -12.65 -16.42
CA ARG A 24 -31.75 -11.67 -17.33
C ARG A 24 -30.28 -12.07 -17.56
N THR A 25 -29.79 -11.81 -18.77
CA THR A 25 -28.40 -12.10 -19.20
C THR A 25 -27.60 -10.79 -19.24
N VAL A 26 -26.44 -10.78 -18.61
CA VAL A 26 -25.47 -9.64 -18.64
C VAL A 26 -24.40 -9.97 -19.68
N ALA A 27 -24.24 -9.11 -20.68
CA ALA A 27 -23.11 -9.15 -21.65
C ALA A 27 -21.98 -8.27 -21.11
N VAL A 28 -20.88 -8.89 -20.71
CA VAL A 28 -19.60 -8.20 -20.36
C VAL A 28 -18.81 -8.02 -21.66
N ILE A 29 -18.74 -6.77 -22.15
CA ILE A 29 -18.00 -6.40 -23.39
C ILE A 29 -16.57 -6.03 -22.99
N GLY A 30 -15.60 -6.84 -23.42
CA GLY A 30 -14.20 -6.78 -22.96
C GLY A 30 -13.96 -7.80 -21.86
N TYR A 31 -12.74 -8.30 -21.76
CA TYR A 31 -12.33 -9.31 -20.74
C TYR A 31 -10.93 -8.93 -20.21
N GLY A 32 -10.67 -7.62 -20.11
CA GLY A 32 -9.41 -7.07 -19.61
C GLY A 32 -9.40 -6.99 -18.09
N ILE A 33 -8.78 -5.93 -17.55
CA ILE A 33 -8.55 -5.75 -16.09
C ILE A 33 -9.91 -5.75 -15.37
N GLN A 34 -10.86 -4.93 -15.84
CA GLN A 34 -12.21 -4.81 -15.25
C GLN A 34 -13.11 -5.94 -15.77
N GLY A 35 -13.14 -6.15 -17.09
CA GLY A 35 -14.01 -7.13 -17.77
C GLY A 35 -13.95 -8.52 -17.14
N ARG A 36 -12.74 -9.01 -16.87
CA ARG A 36 -12.45 -10.37 -16.33
C ARG A 36 -13.00 -10.49 -14.89
N ALA A 37 -12.84 -9.45 -14.07
CA ALA A 37 -13.29 -9.42 -12.65
C ALA A 37 -14.82 -9.38 -12.61
N PHE A 38 -15.44 -8.51 -13.42
CA PHE A 38 -16.92 -8.37 -13.53
C PHE A 38 -17.52 -9.74 -13.91
N ALA A 39 -17.00 -10.38 -14.97
CA ALA A 39 -17.47 -11.68 -15.50
C ALA A 39 -17.34 -12.78 -14.44
N ALA A 40 -16.18 -12.87 -13.77
CA ALA A 40 -15.89 -13.88 -12.74
C ALA A 40 -16.86 -13.72 -11.57
N ASN A 41 -17.00 -12.49 -11.06
CA ASN A 41 -17.83 -12.16 -9.87
C ASN A 41 -19.31 -12.35 -10.20
N LEU A 42 -19.76 -11.91 -11.39
CA LEU A 42 -21.17 -12.07 -11.85
C LEU A 42 -21.51 -13.57 -11.90
N ARG A 43 -20.67 -14.38 -12.53
CA ARG A 43 -20.86 -15.86 -12.66
C ARG A 43 -20.98 -16.50 -11.28
N ASP A 44 -20.10 -16.13 -10.34
CA ASP A 44 -20.02 -16.72 -8.98
C ASP A 44 -21.21 -16.27 -8.13
N SER A 45 -21.84 -15.13 -8.47
CA SER A 45 -23.06 -14.61 -7.79
C SER A 45 -24.32 -15.25 -8.39
N GLY A 46 -24.17 -16.16 -9.37
CA GLY A 46 -25.27 -16.90 -9.98
C GLY A 46 -26.02 -16.08 -11.02
N VAL A 47 -25.37 -15.08 -11.60
CA VAL A 47 -25.93 -14.22 -12.70
C VAL A 47 -25.56 -14.87 -14.04
N ALA A 48 -26.55 -15.02 -14.93
CA ALA A 48 -26.35 -15.45 -16.33
C ALA A 48 -25.45 -14.41 -17.02
N VAL A 49 -24.25 -14.82 -17.42
CA VAL A 49 -23.18 -13.92 -17.93
C VAL A 49 -22.66 -14.47 -19.25
N ARG A 50 -22.37 -13.59 -20.21
CA ARG A 50 -21.65 -13.93 -21.46
C ARG A 50 -20.68 -12.79 -21.79
N VAL A 51 -19.60 -13.14 -22.51
CA VAL A 51 -18.50 -12.19 -22.84
C VAL A 51 -18.54 -11.91 -24.35
N GLY A 52 -18.56 -10.64 -24.72
CA GLY A 52 -18.38 -10.15 -26.10
C GLY A 52 -16.99 -9.56 -26.26
N ASN A 53 -16.22 -10.05 -27.22
CA ASN A 53 -14.79 -9.67 -27.39
C ASN A 53 -14.39 -9.76 -28.85
N ILE A 54 -13.49 -8.89 -29.27
CA ILE A 54 -12.81 -8.91 -30.61
C ILE A 54 -11.87 -10.12 -30.64
N ASP A 55 -11.28 -10.40 -31.81
CA ASP A 55 -10.45 -11.62 -32.04
C ASP A 55 -9.01 -11.34 -31.57
N ASP A 56 -8.77 -11.43 -30.25
CA ASP A 56 -7.45 -11.21 -29.62
C ASP A 56 -7.29 -12.22 -28.46
N ARG A 57 -6.21 -12.11 -27.68
CA ARG A 57 -5.84 -13.09 -26.62
C ARG A 57 -6.93 -13.14 -25.54
N TYR A 58 -7.65 -12.04 -25.33
CA TYR A 58 -8.69 -11.89 -24.28
C TYR A 58 -9.89 -12.80 -24.61
N PHE A 59 -10.20 -12.95 -25.90
CA PHE A 59 -11.24 -13.89 -26.42
C PHE A 59 -10.87 -15.31 -25.97
N GLU A 60 -9.63 -15.72 -26.20
CA GLU A 60 -9.11 -17.08 -25.91
C GLU A 60 -9.09 -17.28 -24.38
N LEU A 61 -8.68 -16.24 -23.63
CA LEU A 61 -8.62 -16.29 -22.14
C LEU A 61 -10.03 -16.51 -21.58
N ALA A 62 -11.03 -15.78 -22.08
CA ALA A 62 -12.44 -15.90 -21.65
C ALA A 62 -12.91 -17.34 -21.87
N ARG A 63 -12.55 -17.94 -23.01
CA ARG A 63 -12.92 -19.33 -23.38
C ARG A 63 -12.22 -20.31 -22.43
N ALA A 64 -10.91 -20.12 -22.18
CA ALA A 64 -10.09 -20.96 -21.28
C ALA A 64 -10.68 -20.93 -19.86
N GLU A 65 -11.36 -19.85 -19.48
CA GLU A 65 -11.93 -19.66 -18.12
C GLU A 65 -13.43 -19.97 -18.12
N GLY A 66 -13.93 -20.64 -19.17
CA GLY A 66 -15.22 -21.35 -19.19
C GLY A 66 -16.41 -20.46 -19.48
N HIS A 67 -16.20 -19.28 -20.06
CA HIS A 67 -17.28 -18.32 -20.43
C HIS A 67 -17.84 -18.67 -21.80
N ARG A 68 -19.08 -18.25 -22.07
CA ARG A 68 -19.66 -18.20 -23.43
C ARG A 68 -19.17 -16.91 -24.09
N VAL A 69 -18.30 -17.02 -25.10
CA VAL A 69 -17.61 -15.88 -25.75
C VAL A 69 -18.03 -15.80 -27.21
N THR A 70 -18.45 -14.62 -27.66
CA THR A 70 -18.79 -14.30 -29.07
C THR A 70 -18.19 -12.93 -29.41
N ASN A 71 -18.29 -12.50 -30.67
CA ASN A 71 -18.04 -11.10 -31.10
C ASN A 71 -18.98 -10.20 -30.29
N ILE A 72 -18.71 -8.89 -30.28
CA ILE A 72 -19.40 -7.91 -29.40
C ILE A 72 -20.88 -7.81 -29.81
N ALA A 73 -21.16 -7.68 -31.11
CA ALA A 73 -22.53 -7.48 -31.67
C ALA A 73 -23.45 -8.61 -31.21
N GLU A 74 -23.00 -9.87 -31.30
CA GLU A 74 -23.81 -11.06 -30.94
C GLU A 74 -24.08 -11.06 -29.43
N ALA A 75 -23.09 -10.71 -28.61
CA ALA A 75 -23.21 -10.62 -27.12
C ALA A 75 -24.33 -9.63 -26.76
N VAL A 76 -24.29 -8.43 -27.37
CA VAL A 76 -25.24 -7.31 -27.11
C VAL A 76 -26.67 -7.75 -27.50
N ALA A 77 -26.81 -8.40 -28.67
CA ALA A 77 -28.11 -8.84 -29.25
C ALA A 77 -28.83 -9.83 -28.31
N HIS A 78 -28.09 -10.57 -27.49
CA HIS A 78 -28.63 -11.62 -26.57
C HIS A 78 -28.44 -11.21 -25.10
N ALA A 79 -28.45 -9.90 -24.81
CA ALA A 79 -28.20 -9.32 -23.47
C ALA A 79 -29.34 -8.38 -23.05
N ASP A 80 -29.68 -8.40 -21.76
CA ASP A 80 -30.62 -7.45 -21.10
C ASP A 80 -29.82 -6.31 -20.47
N ILE A 81 -28.56 -6.56 -20.10
CA ILE A 81 -27.62 -5.56 -19.52
C ILE A 81 -26.28 -5.71 -20.24
N VAL A 82 -25.68 -4.59 -20.67
CA VAL A 82 -24.39 -4.55 -21.40
C VAL A 82 -23.40 -3.70 -20.59
N LEU A 83 -22.26 -4.29 -20.19
CA LEU A 83 -21.15 -3.59 -19.47
C LEU A 83 -20.00 -3.36 -20.46
N LEU A 84 -19.80 -2.11 -20.88
CA LEU A 84 -18.76 -1.74 -21.88
C LEU A 84 -17.42 -1.53 -21.16
N LEU A 85 -16.67 -2.62 -20.99
CA LEU A 85 -15.40 -2.66 -20.22
C LEU A 85 -14.23 -2.90 -21.19
N ILE A 86 -14.08 -1.98 -22.15
CA ILE A 86 -12.93 -1.89 -23.09
C ILE A 86 -12.32 -0.50 -22.93
N PRO A 87 -11.09 -0.25 -23.44
CA PRO A 87 -10.46 1.07 -23.32
C PRO A 87 -11.34 2.22 -23.85
N ASP A 88 -11.33 3.34 -23.14
CA ASP A 88 -12.29 4.47 -23.28
C ASP A 88 -12.28 5.03 -24.71
N GLU A 89 -11.10 5.09 -25.35
CA GLU A 89 -10.93 5.68 -26.71
C GLU A 89 -11.64 4.81 -27.77
N ALA A 90 -11.92 3.53 -27.46
CA ALA A 90 -12.55 2.55 -28.38
C ALA A 90 -14.07 2.53 -28.22
N HIS A 91 -14.63 3.30 -27.28
CA HIS A 91 -16.08 3.32 -26.93
C HIS A 91 -16.90 3.83 -28.13
N GLY A 92 -16.51 4.96 -28.72
CA GLY A 92 -17.22 5.59 -29.84
C GLY A 92 -17.55 4.62 -30.95
N ALA A 93 -16.52 3.98 -31.54
CA ALA A 93 -16.63 3.08 -32.70
C ALA A 93 -17.44 1.83 -32.34
N VAL A 94 -17.13 1.20 -31.20
CA VAL A 94 -17.82 -0.03 -30.71
C VAL A 94 -19.30 0.30 -30.44
N PHE A 95 -19.57 1.46 -29.82
CA PHE A 95 -20.95 1.93 -29.52
C PHE A 95 -21.74 2.12 -30.83
N ASP A 96 -21.16 2.85 -31.79
CA ASP A 96 -21.81 3.22 -33.07
C ASP A 96 -22.09 1.96 -33.91
N VAL A 97 -21.14 1.01 -33.95
CA VAL A 97 -21.15 -0.13 -34.90
C VAL A 97 -21.77 -1.37 -34.23
N ASP A 98 -21.35 -1.71 -33.01
CA ASP A 98 -21.65 -3.03 -32.38
C ASP A 98 -22.82 -2.92 -31.39
N ILE A 99 -22.89 -1.86 -30.58
CA ILE A 99 -23.82 -1.76 -29.41
C ILE A 99 -25.15 -1.12 -29.85
N ALA A 100 -25.10 0.13 -30.33
CA ALA A 100 -26.31 0.96 -30.63
C ALA A 100 -27.26 0.19 -31.54
N PRO A 101 -26.81 -0.43 -32.65
CA PRO A 101 -27.70 -1.20 -33.52
C PRO A 101 -28.29 -2.50 -32.94
N ASN A 102 -27.76 -3.02 -31.83
CA ASN A 102 -28.08 -4.38 -31.31
C ASN A 102 -28.70 -4.33 -29.91
N LEU A 103 -28.70 -3.16 -29.26
CA LEU A 103 -29.22 -2.99 -27.87
C LEU A 103 -30.75 -3.14 -27.89
N ARG A 104 -31.29 -4.16 -27.20
CA ARG A 104 -32.75 -4.45 -27.17
C ARG A 104 -33.51 -3.31 -26.51
N ASP A 105 -34.82 -3.23 -26.77
CA ASP A 105 -35.76 -2.31 -26.06
C ASP A 105 -35.69 -2.62 -24.55
N GLY A 106 -35.48 -1.59 -23.74
CA GLY A 106 -35.47 -1.69 -22.26
C GLY A 106 -34.15 -2.20 -21.71
N ALA A 107 -33.13 -2.38 -22.56
CA ALA A 107 -31.78 -2.86 -22.15
C ALA A 107 -31.04 -1.74 -21.42
N LEU A 108 -30.09 -2.11 -20.56
CA LEU A 108 -29.22 -1.18 -19.79
C LEU A 108 -27.79 -1.26 -20.34
N LEU A 109 -27.19 -0.12 -20.68
CA LEU A 109 -25.76 0.02 -21.02
C LEU A 109 -25.06 0.70 -19.83
N CYS A 110 -23.96 0.12 -19.35
CA CYS A 110 -23.10 0.67 -18.26
C CYS A 110 -21.67 0.90 -18.78
N VAL A 111 -21.09 2.04 -18.42
CA VAL A 111 -19.63 2.35 -18.58
C VAL A 111 -19.03 2.37 -17.17
N ALA A 112 -17.73 2.08 -17.03
CA ALA A 112 -17.00 2.05 -15.75
C ALA A 112 -16.13 3.30 -15.59
N HIS A 113 -16.36 4.31 -16.43
CA HIS A 113 -15.61 5.60 -16.48
C HIS A 113 -16.43 6.59 -17.30
N GLY A 114 -16.50 7.85 -16.87
CA GLY A 114 -17.41 8.86 -17.46
C GLY A 114 -16.85 9.49 -18.73
N HIS A 115 -15.61 9.19 -19.12
CA HIS A 115 -14.87 9.90 -20.21
C HIS A 115 -15.66 9.86 -21.52
N SER A 116 -16.13 8.68 -21.94
CA SER A 116 -16.86 8.50 -23.22
C SER A 116 -18.18 9.29 -23.19
N LEU A 117 -18.79 9.41 -22.00
CA LEU A 117 -20.04 10.19 -21.76
C LEU A 117 -19.74 11.69 -21.87
N VAL A 118 -18.62 12.15 -21.30
CA VAL A 118 -18.15 13.56 -21.35
C VAL A 118 -17.94 13.96 -22.82
N GLN A 119 -17.31 13.08 -23.61
CA GLN A 119 -16.90 13.34 -25.01
C GLN A 119 -18.07 13.11 -25.98
N GLY A 120 -19.19 12.58 -25.50
CA GLY A 120 -20.40 12.30 -26.32
C GLY A 120 -20.21 11.10 -27.22
N ASP A 121 -19.25 10.22 -26.91
CA ASP A 121 -18.93 9.00 -27.70
C ASP A 121 -19.96 7.91 -27.38
N VAL A 122 -20.45 7.89 -26.13
CA VAL A 122 -21.61 7.07 -25.68
C VAL A 122 -22.74 8.02 -25.31
N ARG A 123 -23.94 7.77 -25.84
CA ARG A 123 -25.10 8.70 -25.79
C ARG A 123 -26.34 7.93 -25.35
N PRO A 124 -27.31 8.59 -24.67
CA PRO A 124 -28.59 7.97 -24.37
C PRO A 124 -29.30 7.52 -25.66
N LEU A 125 -29.94 6.35 -25.64
CA LEU A 125 -30.74 5.83 -26.78
C LEU A 125 -32.20 5.72 -26.35
N PRO A 126 -33.15 6.10 -27.23
CA PRO A 126 -34.58 5.95 -26.95
C PRO A 126 -34.97 4.52 -26.55
N GLY A 127 -35.70 4.38 -25.44
CA GLY A 127 -36.23 3.08 -24.96
C GLY A 127 -35.18 2.22 -24.26
N ARG A 128 -33.97 2.75 -24.05
CA ARG A 128 -32.86 2.04 -23.35
C ARG A 128 -32.38 2.90 -22.18
N ASP A 129 -31.71 2.26 -21.20
CA ASP A 129 -31.13 2.94 -20.02
C ASP A 129 -29.62 3.12 -20.24
N LEU A 130 -29.06 4.17 -19.64
CA LEU A 130 -27.60 4.45 -19.67
C LEU A 130 -27.14 4.85 -18.26
N ALA A 131 -26.07 4.22 -17.77
CA ALA A 131 -25.57 4.42 -16.38
C ALA A 131 -24.04 4.31 -16.37
N MET A 132 -23.42 4.92 -15.35
CA MET A 132 -22.01 4.70 -14.97
C MET A 132 -21.99 3.88 -13.68
N LEU A 133 -21.24 2.79 -13.65
CA LEU A 133 -20.80 2.10 -12.40
C LEU A 133 -19.27 1.98 -12.45
N ALA A 134 -18.58 2.89 -11.78
CA ALA A 134 -17.12 3.10 -11.86
C ALA A 134 -16.46 2.62 -10.58
N PRO A 135 -15.82 1.42 -10.58
CA PRO A 135 -15.10 0.93 -9.40
C PRO A 135 -13.88 1.81 -9.06
N ARG A 136 -13.56 1.93 -7.77
CA ARG A 136 -12.42 2.74 -7.26
C ARG A 136 -11.23 1.81 -6.98
N MET A 137 -11.01 0.82 -7.85
CA MET A 137 -10.05 -0.29 -7.63
C MET A 137 -9.87 -1.05 -8.95
N TYR A 138 -8.69 -1.67 -9.14
CA TYR A 138 -8.39 -2.50 -10.33
C TYR A 138 -8.87 -3.94 -10.06
N GLY A 139 -8.78 -4.79 -11.09
CA GLY A 139 -9.53 -6.06 -11.20
C GLY A 139 -9.12 -7.11 -10.18
N ASP A 140 -7.82 -7.35 -10.00
CA ASP A 140 -7.29 -8.43 -9.13
C ASP A 140 -7.79 -8.22 -7.70
N PRO A 141 -7.61 -7.02 -7.09
CA PRO A 141 -8.19 -6.73 -5.77
C PRO A 141 -9.71 -6.90 -5.73
N ILE A 142 -10.44 -6.42 -6.74
CA ILE A 142 -11.93 -6.59 -6.83
C ILE A 142 -12.25 -8.08 -6.75
N ARG A 143 -11.46 -8.92 -7.42
CA ARG A 143 -11.66 -10.39 -7.48
C ARG A 143 -11.32 -11.01 -6.11
N ARG A 144 -10.15 -10.69 -5.55
CA ARG A 144 -9.66 -11.25 -4.27
C ARG A 144 -10.59 -10.84 -3.12
N TYR A 145 -10.97 -9.56 -3.06
CA TYR A 145 -11.95 -9.02 -2.08
C TYR A 145 -13.26 -9.82 -2.17
N TYR A 146 -13.78 -10.02 -3.40
CA TYR A 146 -15.06 -10.71 -3.68
C TYR A 146 -15.04 -12.12 -3.08
N LEU A 147 -13.95 -12.86 -3.28
CA LEU A 147 -13.77 -14.26 -2.84
C LEU A 147 -13.67 -14.32 -1.31
N ALA A 148 -13.26 -13.23 -0.67
CA ALA A 148 -13.12 -13.11 0.82
C ALA A 148 -14.38 -12.49 1.44
N GLY A 149 -15.48 -12.34 0.67
CA GLY A 149 -16.75 -11.77 1.15
C GLY A 149 -16.66 -10.26 1.39
N GLN A 150 -15.71 -9.60 0.72
CA GLN A 150 -15.46 -8.14 0.85
C GLN A 150 -15.65 -7.50 -0.53
N GLY A 151 -15.48 -6.17 -0.60
CA GLY A 151 -15.58 -5.42 -1.86
C GLY A 151 -14.79 -4.13 -1.82
N ALA A 152 -14.68 -3.49 -2.98
CA ALA A 152 -14.08 -2.15 -3.19
C ALA A 152 -15.22 -1.16 -3.41
N PRO A 153 -15.05 0.14 -3.12
CA PRO A 153 -16.09 1.12 -3.37
C PRO A 153 -16.28 1.37 -4.87
N ALA A 154 -17.41 1.99 -5.24
CA ALA A 154 -17.70 2.45 -6.62
C ALA A 154 -18.52 3.74 -6.57
N TYR A 155 -18.48 4.51 -7.64
CA TYR A 155 -19.41 5.64 -7.92
C TYR A 155 -20.36 5.22 -9.02
N PHE A 156 -21.62 5.66 -8.93
CA PHE A 156 -22.65 5.36 -9.95
C PHE A 156 -23.41 6.65 -10.30
N ASP A 157 -23.94 6.69 -11.52
CA ASP A 157 -24.76 7.80 -12.06
C ASP A 157 -25.75 7.20 -13.04
N ILE A 158 -27.05 7.43 -12.83
CA ILE A 158 -28.13 7.05 -13.78
C ILE A 158 -28.27 8.21 -14.79
N VAL A 159 -27.69 8.03 -15.98
CA VAL A 159 -27.53 9.10 -17.01
C VAL A 159 -28.85 9.23 -17.79
N ALA A 160 -29.41 8.09 -18.22
CA ALA A 160 -30.74 8.00 -18.86
C ALA A 160 -31.47 6.79 -18.30
N ASP A 161 -32.65 7.03 -17.70
CA ASP A 161 -33.57 5.98 -17.18
C ASP A 161 -34.89 6.11 -17.94
N HIS A 162 -35.03 5.36 -19.05
CA HIS A 162 -36.25 5.34 -19.90
C HIS A 162 -37.21 4.24 -19.41
N THR A 163 -36.68 3.16 -18.81
CA THR A 163 -37.49 2.03 -18.27
C THR A 163 -38.06 2.39 -16.89
N GLY A 164 -37.37 3.26 -16.14
CA GLY A 164 -37.69 3.56 -14.73
C GLY A 164 -37.18 2.49 -13.79
N ARG A 165 -36.33 1.57 -14.28
CA ARG A 165 -35.76 0.44 -13.51
C ARG A 165 -34.22 0.45 -13.57
N ALA A 166 -33.61 1.45 -14.22
CA ALA A 166 -32.14 1.56 -14.41
C ALA A 166 -31.42 1.46 -13.06
N ARG A 167 -31.94 2.15 -12.03
CA ARG A 167 -31.28 2.27 -10.70
C ARG A 167 -31.22 0.89 -10.04
N ASP A 168 -32.34 0.16 -9.99
CA ASP A 168 -32.45 -1.20 -9.40
C ASP A 168 -31.43 -2.13 -10.09
N ARG A 169 -31.34 -2.05 -11.42
CA ARG A 169 -30.51 -2.95 -12.26
C ARG A 169 -29.02 -2.63 -12.05
N VAL A 170 -28.65 -1.35 -12.01
CA VAL A 170 -27.23 -0.91 -11.80
C VAL A 170 -26.76 -1.41 -10.42
N LEU A 171 -27.56 -1.22 -9.37
CA LEU A 171 -27.19 -1.58 -7.98
C LEU A 171 -27.20 -3.11 -7.80
N ALA A 172 -28.01 -3.82 -8.59
CA ALA A 172 -28.02 -5.30 -8.66
C ALA A 172 -26.68 -5.79 -9.22
N ILE A 173 -26.19 -5.16 -10.30
CA ILE A 173 -24.84 -5.45 -10.88
C ILE A 173 -23.79 -5.15 -9.79
N ALA A 174 -23.87 -3.97 -9.18
CA ALA A 174 -22.94 -3.50 -8.13
C ALA A 174 -22.88 -4.51 -6.98
N ARG A 175 -24.04 -5.03 -6.55
CA ARG A 175 -24.12 -6.04 -5.45
C ARG A 175 -23.50 -7.36 -5.92
N ALA A 176 -23.84 -7.81 -7.13
CA ALA A 176 -23.38 -9.09 -7.72
C ALA A 176 -21.84 -9.11 -7.80
N VAL A 177 -21.22 -7.96 -8.09
CA VAL A 177 -19.75 -7.83 -8.31
C VAL A 177 -19.06 -7.46 -6.97
N GLY A 178 -19.84 -7.02 -5.97
CA GLY A 178 -19.42 -6.94 -4.56
C GLY A 178 -19.13 -5.53 -4.08
N PHE A 179 -19.40 -4.50 -4.87
CA PHE A 179 -19.07 -3.08 -4.55
C PHE A 179 -19.90 -2.57 -3.37
N THR A 180 -21.13 -3.06 -3.21
CA THR A 180 -22.07 -2.66 -2.12
C THR A 180 -21.58 -3.19 -0.77
N ARG A 181 -20.61 -4.11 -0.74
CA ARG A 181 -19.98 -4.59 0.51
C ARG A 181 -19.08 -3.50 1.09
N ALA A 182 -18.62 -2.57 0.26
CA ALA A 182 -17.87 -1.37 0.67
C ALA A 182 -18.83 -0.17 0.73
N GLY A 183 -19.48 0.13 -0.40
CA GLY A 183 -20.35 1.30 -0.57
C GLY A 183 -20.30 1.81 -1.99
N VAL A 184 -21.46 2.07 -2.58
CA VAL A 184 -21.60 2.60 -3.97
C VAL A 184 -22.27 3.97 -3.86
N MET A 185 -21.52 5.03 -4.13
CA MET A 185 -21.95 6.44 -3.91
C MET A 185 -22.41 7.07 -5.23
N ALA A 186 -23.52 7.79 -5.21
CA ALA A 186 -24.02 8.61 -6.33
C ALA A 186 -23.01 9.74 -6.61
N LEU A 187 -22.55 9.85 -7.85
CA LEU A 187 -21.64 10.92 -8.31
C LEU A 187 -21.78 11.07 -9.83
N GLY A 188 -21.91 12.31 -10.31
CA GLY A 188 -22.03 12.64 -11.74
C GLY A 188 -20.88 12.08 -12.55
N TYR A 189 -21.17 11.55 -13.75
CA TYR A 189 -20.16 10.94 -14.66
C TYR A 189 -19.06 11.96 -14.96
N ARG A 190 -19.41 13.25 -15.05
CA ARG A 190 -18.46 14.35 -15.34
C ARG A 190 -17.46 14.47 -14.19
N GLN A 191 -17.93 14.54 -12.94
CA GLN A 191 -17.06 14.65 -11.74
C GLN A 191 -16.17 13.40 -11.63
N GLU A 192 -16.72 12.20 -11.87
CA GLU A 192 -15.96 10.92 -11.81
C GLU A 192 -14.79 10.99 -12.79
N THR A 193 -15.05 11.39 -14.04
CA THR A 193 -14.04 11.49 -15.12
C THR A 193 -12.85 12.33 -14.62
N PHE A 194 -13.11 13.54 -14.16
CA PHE A 194 -12.07 14.53 -13.78
C PHE A 194 -11.30 14.02 -12.55
N LEU A 195 -12.02 13.56 -11.52
CA LEU A 195 -11.44 12.90 -10.30
C LEU A 195 -10.50 11.77 -10.71
N ASP A 196 -11.01 10.83 -11.50
CA ASP A 196 -10.31 9.59 -11.91
C ASP A 196 -9.03 9.96 -12.68
N LEU A 197 -9.15 10.82 -13.69
CA LEU A 197 -8.00 11.27 -14.52
C LEU A 197 -6.99 12.03 -13.65
N PHE A 198 -7.46 12.79 -12.65
CA PHE A 198 -6.61 13.56 -11.71
C PHE A 198 -5.71 12.60 -10.90
N GLN A 199 -6.28 11.50 -10.42
CA GLN A 199 -5.55 10.47 -9.64
C GLN A 199 -4.44 9.86 -10.49
N GLU A 200 -4.72 9.64 -11.78
CA GLU A 200 -3.82 8.96 -12.74
C GLU A 200 -2.72 9.91 -13.23
N GLN A 201 -3.00 11.22 -13.30
CA GLN A 201 -2.15 12.22 -13.99
C GLN A 201 -1.37 13.07 -12.99
N PHE A 202 -1.95 13.39 -11.83
CA PHE A 202 -1.23 14.12 -10.75
C PHE A 202 -0.73 13.14 -9.68
N LEU A 203 -1.63 12.45 -8.99
CA LEU A 203 -1.27 11.79 -7.70
C LEU A 203 -0.34 10.59 -7.92
N ALA A 204 -0.72 9.64 -8.76
CA ALA A 204 0.07 8.40 -8.99
C ALA A 204 1.46 8.78 -9.48
N PRO A 205 1.62 9.60 -10.54
CA PRO A 205 2.94 9.98 -11.03
C PRO A 205 3.79 10.68 -9.95
N ALA A 206 3.16 11.57 -9.17
CA ALA A 206 3.82 12.37 -8.11
C ALA A 206 4.29 11.45 -6.97
N LEU A 207 3.47 10.48 -6.56
CA LEU A 207 3.84 9.49 -5.52
C LEU A 207 5.10 8.74 -5.95
N VAL A 208 5.14 8.26 -7.19
CA VAL A 208 6.29 7.48 -7.74
C VAL A 208 7.48 8.42 -7.96
N ASP A 209 7.24 9.65 -8.43
CA ASP A 209 8.30 10.68 -8.61
C ASP A 209 8.99 10.93 -7.26
N LEU A 210 8.21 11.02 -6.18
CA LEU A 210 8.74 11.30 -4.82
C LEU A 210 9.54 10.08 -4.33
N VAL A 211 9.01 8.87 -4.50
CA VAL A 211 9.74 7.60 -4.20
C VAL A 211 11.09 7.62 -4.95
N GLU A 212 11.05 7.92 -6.25
CA GLU A 212 12.22 7.95 -7.15
C GLU A 212 13.21 9.02 -6.70
N THR A 213 12.71 10.18 -6.26
CA THR A 213 13.52 11.32 -5.74
C THR A 213 14.29 10.84 -4.50
N GLY A 214 13.59 10.20 -3.56
CA GLY A 214 14.19 9.60 -2.35
C GLY A 214 15.33 8.66 -2.71
N PHE A 215 15.11 7.77 -3.68
CA PHE A 215 16.09 6.74 -4.12
C PHE A 215 17.35 7.42 -4.70
N GLN A 216 17.18 8.34 -5.65
CA GLN A 216 18.31 8.97 -6.39
C GLN A 216 19.14 9.82 -5.42
N VAL A 217 18.52 10.52 -4.46
CA VAL A 217 19.24 11.37 -3.46
C VAL A 217 20.08 10.45 -2.56
N LEU A 218 19.50 9.36 -2.06
CA LEU A 218 20.21 8.36 -1.21
C LEU A 218 21.41 7.78 -1.99
N VAL A 219 21.21 7.39 -3.25
CA VAL A 219 22.26 6.75 -4.11
C VAL A 219 23.38 7.78 -4.38
N GLU A 220 23.03 9.02 -4.72
CA GLU A 220 23.99 10.12 -4.98
C GLU A 220 24.83 10.39 -3.73
N ARG A 221 24.25 10.18 -2.54
CA ARG A 221 24.89 10.46 -1.22
C ARG A 221 25.62 9.21 -0.70
N GLY A 222 25.76 8.17 -1.53
CA GLY A 222 26.66 7.03 -1.29
C GLY A 222 25.99 5.87 -0.56
N PHE A 223 24.66 5.85 -0.48
CA PHE A 223 23.90 4.78 0.23
C PHE A 223 23.82 3.53 -0.65
N ASN A 224 23.80 2.36 -0.01
CA ASN A 224 23.62 1.03 -0.66
C ASN A 224 22.35 1.06 -1.51
N PRO A 225 22.44 0.86 -2.84
CA PRO A 225 21.25 1.00 -3.71
C PRO A 225 20.11 0.03 -3.41
N LYS A 226 20.43 -1.22 -3.05
CA LYS A 226 19.40 -2.22 -2.65
C LYS A 226 18.64 -1.71 -1.42
N ALA A 227 19.36 -1.22 -0.42
CA ALA A 227 18.80 -0.71 0.85
C ALA A 227 17.95 0.53 0.56
N ALA A 228 18.46 1.47 -0.26
CA ALA A 228 17.75 2.69 -0.70
C ALA A 228 16.40 2.30 -1.33
N LEU A 229 16.42 1.35 -2.27
CA LEU A 229 15.22 0.87 -3.00
C LEU A 229 14.22 0.27 -2.00
N LEU A 230 14.68 -0.60 -1.10
CA LEU A 230 13.81 -1.29 -0.10
C LEU A 230 13.09 -0.25 0.78
N GLU A 231 13.79 0.77 1.25
CA GLU A 231 13.24 1.78 2.19
C GLU A 231 12.19 2.64 1.48
N VAL A 232 12.45 3.04 0.23
CA VAL A 232 11.58 4.01 -0.49
C VAL A 232 10.28 3.32 -0.94
N TYR A 233 10.28 1.99 -1.13
CA TYR A 233 9.03 1.19 -1.37
C TYR A 233 9.30 -0.32 -1.43
N GLY A 234 10.50 -0.77 -1.82
CA GLY A 234 10.81 -2.17 -2.17
C GLY A 234 10.52 -3.16 -1.06
N SER A 235 10.60 -2.74 0.20
CA SER A 235 10.34 -3.58 1.40
C SER A 235 8.83 -3.81 1.57
N GLY A 236 8.00 -2.99 0.91
CA GLY A 236 6.54 -3.01 1.03
C GLY A 236 6.04 -2.15 2.19
N GLU A 237 6.95 -1.55 2.96
CA GLU A 237 6.61 -0.82 4.21
C GLU A 237 5.77 0.42 3.88
N MET A 238 6.20 1.23 2.90
CA MET A 238 5.50 2.47 2.51
C MET A 238 4.14 2.12 1.90
N GLY A 239 4.08 1.08 1.06
CA GLY A 239 2.82 0.53 0.53
C GLY A 239 1.89 0.11 1.66
N LYS A 240 2.41 -0.65 2.62
CA LYS A 240 1.66 -1.12 3.82
C LYS A 240 1.10 0.07 4.61
N MET A 241 1.94 1.09 4.87
CA MET A 241 1.54 2.33 5.60
C MET A 241 0.33 2.94 4.90
N MET A 242 0.41 3.12 3.58
CA MET A 242 -0.61 3.76 2.73
C MET A 242 -1.90 2.92 2.72
N LEU A 243 -1.80 1.59 2.67
CA LEU A 243 -2.98 0.69 2.59
C LEU A 243 -3.66 0.60 3.96
N ASP A 244 -2.88 0.44 5.04
CA ASP A 244 -3.40 0.50 6.44
C ASP A 244 -3.97 1.91 6.68
N GLY A 245 -3.31 2.94 6.14
CA GLY A 245 -3.74 4.35 6.22
C GLY A 245 -5.13 4.55 5.63
N ALA A 246 -5.42 3.90 4.50
CA ALA A 246 -6.75 3.91 3.85
C ALA A 246 -7.82 3.54 4.88
N ASP A 247 -7.51 2.57 5.76
CA ASP A 247 -8.44 2.07 6.81
C ASP A 247 -8.56 3.12 7.93
N ILE A 248 -7.47 3.44 8.62
CA ILE A 248 -7.49 4.11 9.96
C ILE A 248 -7.00 5.56 9.88
N GLY A 249 -6.53 6.02 8.72
CA GLY A 249 -5.94 7.36 8.52
C GLY A 249 -4.42 7.30 8.46
N LEU A 250 -3.79 8.17 7.67
CA LEU A 250 -2.33 8.10 7.38
C LEU A 250 -1.51 8.61 8.57
N ASP A 251 -1.92 9.71 9.20
CA ASP A 251 -1.28 10.24 10.43
C ASP A 251 -1.46 9.22 11.57
N GLU A 252 -2.63 8.57 11.61
CA GLU A 252 -3.00 7.57 12.66
C GLU A 252 -2.07 6.36 12.59
N VAL A 253 -1.78 5.84 11.38
CA VAL A 253 -0.88 4.66 11.15
C VAL A 253 0.47 4.93 11.80
N VAL A 254 1.00 6.15 11.63
CA VAL A 254 2.32 6.58 12.17
C VAL A 254 2.21 6.63 13.71
N ALA A 255 1.10 7.16 14.24
CA ALA A 255 0.81 7.23 15.70
C ALA A 255 0.74 5.81 16.28
N LEU A 256 0.20 4.84 15.52
CA LEU A 256 -0.04 3.45 15.98
C LEU A 256 1.22 2.59 15.82
N GLN A 257 1.90 2.68 14.67
CA GLN A 257 2.89 1.66 14.21
C GLN A 257 4.32 2.20 14.24
N GLY A 258 4.52 3.51 14.39
CA GLY A 258 5.86 4.13 14.42
C GLY A 258 6.43 4.17 15.81
N SER A 259 7.74 3.88 15.95
CA SER A 259 8.52 4.16 17.20
C SER A 259 8.39 5.64 17.53
N PRO A 260 8.61 6.07 18.80
CA PRO A 260 8.65 7.49 19.12
C PRO A 260 9.68 8.25 18.27
N THR A 261 10.81 7.62 17.97
CA THR A 261 11.88 8.17 17.08
C THR A 261 11.27 8.53 15.73
N CYS A 262 10.53 7.59 15.12
CA CYS A 262 9.86 7.74 13.81
C CYS A 262 8.80 8.85 13.88
N GLN A 263 7.98 8.86 14.93
CA GLN A 263 6.85 9.81 15.09
C GLN A 263 7.36 11.24 15.23
N VAL A 264 8.46 11.45 15.96
CA VAL A 264 9.08 12.80 16.17
C VAL A 264 9.65 13.28 14.81
N GLY A 265 10.34 12.40 14.09
CA GLY A 265 10.90 12.69 12.75
C GLY A 265 9.81 13.07 11.76
N TYR A 266 8.76 12.25 11.68
CA TYR A 266 7.59 12.41 10.77
C TYR A 266 6.93 13.77 11.01
N HIS A 267 6.64 14.09 12.28
CA HIS A 267 5.91 15.32 12.69
C HIS A 267 6.79 16.56 12.57
N ARG A 268 8.12 16.40 12.48
CA ARG A 268 9.05 17.55 12.25
C ARG A 268 8.82 18.11 10.85
N TRP A 269 8.53 17.27 9.85
CA TRP A 269 8.46 17.68 8.42
C TRP A 269 7.06 17.52 7.83
N ARG A 270 6.14 16.86 8.53
CA ARG A 270 4.72 16.72 8.09
C ARG A 270 4.14 18.12 7.84
N GLY A 271 3.59 18.35 6.64
CA GLY A 271 2.96 19.61 6.21
C GLY A 271 3.96 20.62 5.67
N ARG A 272 5.25 20.27 5.60
CA ARG A 272 6.36 21.22 5.32
C ARG A 272 7.20 20.78 4.10
N THR A 273 6.92 19.63 3.48
CA THR A 273 7.84 18.99 2.49
C THR A 273 7.66 19.58 1.09
N LEU A 274 6.47 20.06 0.73
CA LEU A 274 6.11 20.43 -0.68
C LEU A 274 6.00 21.95 -0.82
N PRO A 275 6.66 22.56 -1.83
CA PRO A 275 6.44 23.97 -2.14
C PRO A 275 5.10 24.16 -2.86
N THR A 276 4.63 25.41 -2.92
CA THR A 276 3.32 25.82 -3.52
C THR A 276 3.24 25.34 -4.98
N ALA A 277 4.39 25.26 -5.68
CA ALA A 277 4.51 24.85 -7.10
C ALA A 277 3.85 23.48 -7.34
N VAL A 278 3.86 22.59 -6.34
CA VAL A 278 3.22 21.24 -6.44
C VAL A 278 1.69 21.43 -6.50
N ARG A 279 1.14 22.24 -5.60
CA ARG A 279 -0.32 22.57 -5.55
C ARG A 279 -0.74 23.21 -6.88
N GLU A 280 0.10 24.09 -7.43
CA GLU A 280 -0.16 24.78 -8.73
C GLU A 280 -0.10 23.76 -9.89
N LEU A 281 0.84 22.82 -9.86
CA LEU A 281 0.93 21.76 -10.88
C LEU A 281 -0.38 20.95 -10.89
N ALA A 282 -0.85 20.55 -9.71
CA ALA A 282 -2.13 19.81 -9.51
C ALA A 282 -3.26 20.58 -10.20
N ALA A 283 -3.33 21.89 -10.00
CA ALA A 283 -4.32 22.80 -10.61
C ALA A 283 -4.19 22.76 -12.15
N ARG A 284 -2.95 22.80 -12.64
CA ARG A 284 -2.58 22.76 -14.09
C ARG A 284 -3.12 21.45 -14.71
N VAL A 285 -2.87 20.32 -14.05
CA VAL A 285 -3.31 18.97 -14.50
C VAL A 285 -4.83 18.97 -14.62
N LEU A 286 -5.54 19.50 -13.62
CA LEU A 286 -7.03 19.58 -13.60
C LEU A 286 -7.52 20.42 -14.79
N ASP A 287 -6.89 21.56 -15.06
CA ASP A 287 -7.23 22.47 -16.19
C ASP A 287 -7.13 21.70 -17.50
N GLN A 288 -6.02 20.96 -17.71
CA GLN A 288 -5.79 20.10 -18.90
C GLN A 288 -6.91 19.08 -19.05
N ILE A 289 -7.32 18.45 -17.94
CA ILE A 289 -8.39 17.40 -17.91
C ILE A 289 -9.74 18.05 -18.26
N GLU A 290 -10.07 19.16 -17.60
CA GLU A 290 -11.41 19.81 -17.66
C GLU A 290 -11.58 20.59 -18.97
N GLY A 291 -10.47 21.03 -19.59
CA GLY A 291 -10.48 21.96 -20.74
C GLY A 291 -10.37 21.25 -22.08
N GLY A 292 -10.14 19.94 -22.09
CA GLY A 292 -10.12 19.11 -23.32
C GLY A 292 -8.72 18.89 -23.85
N ASP A 293 -7.69 19.47 -23.24
CA ASP A 293 -6.27 19.31 -23.66
C ASP A 293 -5.88 17.83 -23.54
N PHE A 294 -6.20 17.19 -22.41
CA PHE A 294 -5.87 15.76 -22.19
C PHE A 294 -6.64 14.87 -23.18
N SER A 295 -7.93 15.15 -23.38
CA SER A 295 -8.83 14.45 -24.33
C SER A 295 -8.20 14.44 -25.74
N ALA A 296 -7.67 15.58 -26.19
CA ALA A 296 -6.96 15.72 -27.48
C ALA A 296 -5.69 14.87 -27.45
N TYR A 297 -4.92 14.96 -26.37
CA TYR A 297 -3.62 14.25 -26.17
C TYR A 297 -3.85 12.74 -26.21
N LEU A 298 -4.91 12.27 -25.56
CA LEU A 298 -5.26 10.82 -25.46
C LEU A 298 -5.67 10.29 -26.85
N LYS A 299 -6.40 11.09 -27.64
CA LYS A 299 -6.85 10.67 -29.00
C LYS A 299 -5.61 10.52 -29.90
N GLU A 300 -4.65 11.45 -29.80
CA GLU A 300 -3.36 11.41 -30.53
C GLU A 300 -2.60 10.14 -30.16
N GLN A 301 -2.43 9.89 -28.85
CA GLN A 301 -1.58 8.81 -28.29
C GLN A 301 -2.16 7.42 -28.63
N ALA A 302 -3.48 7.34 -28.84
CA ALA A 302 -4.19 6.09 -29.21
C ALA A 302 -3.90 5.72 -30.67
N SER A 303 -3.13 6.54 -31.39
CA SER A 303 -2.70 6.29 -32.79
C SER A 303 -1.71 5.13 -32.82
N ASN A 304 -1.77 4.31 -33.88
CA ASN A 304 -0.84 3.18 -34.12
C ASN A 304 -0.95 2.19 -32.95
N ASP A 305 -2.16 2.04 -32.41
CA ASP A 305 -2.50 1.19 -31.23
C ASP A 305 -1.56 1.52 -30.07
N TYR A 306 -1.52 2.79 -29.65
CA TYR A 306 -0.79 3.27 -28.45
C TYR A 306 0.71 2.93 -28.58
N ALA A 307 1.30 3.15 -29.75
CA ALA A 307 2.73 2.94 -30.05
C ALA A 307 3.59 3.73 -29.05
N SER A 308 3.29 5.01 -28.89
CA SER A 308 3.99 5.96 -27.98
C SER A 308 3.97 5.43 -26.54
N LEU A 309 2.84 4.84 -26.11
CA LEU A 309 2.69 4.24 -24.76
C LEU A 309 3.60 3.01 -24.62
N ASP A 310 3.67 2.18 -25.66
CA ASP A 310 4.53 0.97 -25.71
C ASP A 310 6.00 1.39 -25.50
N ASP A 311 6.41 2.50 -26.15
CA ASP A 311 7.78 3.06 -26.05
C ASP A 311 8.05 3.55 -24.62
N ALA A 312 7.07 4.22 -24.00
CA ALA A 312 7.16 4.77 -22.62
C ALA A 312 7.28 3.62 -21.61
N ARG A 313 6.46 2.57 -21.74
CA ARG A 313 6.50 1.38 -20.86
C ARG A 313 7.89 0.75 -20.92
N ARG A 314 8.43 0.52 -22.13
CA ARG A 314 9.76 -0.13 -22.34
C ARG A 314 10.88 0.77 -21.79
N ALA A 315 10.80 2.09 -22.01
CA ALA A 315 11.80 3.08 -21.54
C ALA A 315 11.88 3.05 -20.00
N ALA A 316 10.73 3.03 -19.32
CA ALA A 316 10.60 3.06 -17.84
C ALA A 316 11.40 1.91 -17.21
N LEU A 317 11.48 0.75 -17.89
CA LEU A 317 12.16 -0.47 -17.35
C LEU A 317 13.67 -0.22 -17.19
N LYS A 318 14.23 0.80 -17.86
CA LYS A 318 15.69 1.11 -17.82
C LYS A 318 15.99 2.32 -16.92
N ARG A 319 14.98 2.98 -16.36
CA ARG A 319 15.17 4.02 -15.31
C ARG A 319 15.89 3.37 -14.12
N PRO A 320 16.90 4.04 -13.50
CA PRO A 320 17.63 3.47 -12.36
C PRO A 320 16.81 2.79 -11.26
N LEU A 321 15.65 3.36 -10.92
CA LEU A 321 14.73 2.81 -9.88
C LEU A 321 14.30 1.39 -10.28
N ASN A 322 14.00 1.20 -11.56
CA ASN A 322 13.43 -0.06 -12.11
C ASN A 322 14.55 -1.08 -12.34
N VAL A 323 15.77 -0.62 -12.65
CA VAL A 323 16.99 -1.48 -12.72
C VAL A 323 17.31 -1.99 -11.31
N ALA A 324 17.28 -1.09 -10.31
CA ALA A 324 17.53 -1.38 -8.88
C ALA A 324 16.46 -2.35 -8.36
N HIS A 325 15.20 -2.18 -8.77
CA HIS A 325 14.06 -3.05 -8.37
C HIS A 325 14.32 -4.51 -8.78
N ALA A 326 14.73 -4.72 -10.04
CA ALA A 326 14.99 -6.05 -10.64
C ALA A 326 16.09 -6.76 -9.84
N GLN A 327 17.11 -6.03 -9.41
CA GLN A 327 18.26 -6.54 -8.61
C GLN A 327 17.79 -6.92 -7.20
N VAL A 328 16.99 -6.05 -6.57
CA VAL A 328 16.41 -6.27 -5.21
C VAL A 328 15.50 -7.51 -5.27
N ARG A 329 14.60 -7.60 -6.25
CA ARG A 329 13.56 -8.66 -6.32
C ARG A 329 14.20 -10.01 -6.66
N ALA A 330 15.37 -10.01 -7.31
CA ALA A 330 16.17 -11.23 -7.60
C ALA A 330 16.82 -11.76 -6.31
N ALA A 331 17.07 -10.89 -5.33
CA ALA A 331 17.87 -11.18 -4.11
C ALA A 331 16.99 -11.27 -2.85
N PHE A 332 15.79 -10.67 -2.86
CA PHE A 332 14.83 -10.70 -1.73
C PHE A 332 13.50 -11.29 -2.19
N ARG A 333 13.03 -12.32 -1.48
CA ARG A 333 11.70 -12.93 -1.72
C ARG A 333 10.64 -11.98 -1.14
N PHE A 334 9.60 -11.68 -1.93
CA PHE A 334 8.46 -10.81 -1.51
C PHE A 334 7.24 -11.70 -1.25
N PRO A 335 6.48 -11.45 -0.16
CA PRO A 335 5.28 -12.24 0.12
C PRO A 335 4.19 -12.01 -0.94
N THR A 336 3.95 -13.00 -1.79
CA THR A 336 2.92 -12.99 -2.86
C THR A 336 1.87 -14.07 -2.58
N GLU A 337 0.75 -14.02 -3.30
CA GLU A 337 -0.36 -15.01 -3.25
C GLU A 337 -0.46 -15.70 -4.62
N ALA A 338 -0.64 -17.02 -4.64
CA ALA A 338 -0.85 -17.81 -5.88
C ALA A 338 -2.10 -17.29 -6.59
N ALA A 339 -1.95 -16.87 -7.85
CA ALA A 339 -3.02 -16.23 -8.66
C ALA A 339 -3.59 -17.22 -9.69
N GLY A 340 -3.09 -18.46 -9.70
CA GLY A 340 -3.55 -19.53 -10.62
C GLY A 340 -5.03 -19.83 -10.43
N GLY A 341 -5.81 -19.71 -11.50
CA GLY A 341 -7.26 -20.00 -11.51
C GLY A 341 -8.08 -19.04 -10.67
N LEU A 342 -7.54 -17.86 -10.36
CA LEU A 342 -8.20 -16.82 -9.51
C LEU A 342 -9.57 -16.45 -10.11
N TYR A 343 -9.69 -16.47 -11.44
CA TYR A 343 -10.89 -16.02 -12.20
C TYR A 343 -11.70 -17.23 -12.72
N GLN A 344 -11.34 -18.45 -12.29
CA GLN A 344 -12.14 -19.69 -12.56
C GLN A 344 -13.29 -19.75 -11.55
N ALA A 345 -14.34 -20.50 -11.89
CA ALA A 345 -15.60 -20.64 -11.11
C ALA A 345 -15.26 -21.06 -9.67
N ALA A 346 -15.88 -20.41 -8.68
CA ALA A 346 -15.69 -20.66 -7.23
C ALA A 346 -16.59 -21.81 -6.77
N ASN B 7 29.84 -5.85 -2.94
CA ASN B 7 28.77 -6.81 -3.34
C ASN B 7 28.01 -7.26 -2.10
N ASP B 8 26.68 -7.35 -2.19
CA ASP B 8 25.77 -7.46 -1.02
C ASP B 8 25.78 -8.89 -0.46
N LEU B 9 25.75 -8.99 0.87
CA LEU B 9 25.73 -10.25 1.64
C LEU B 9 24.31 -10.42 2.21
N ILE B 10 23.51 -11.30 1.61
CA ILE B 10 22.06 -11.46 1.89
C ILE B 10 21.79 -12.91 2.33
N TYR B 11 21.25 -13.07 3.54
CA TYR B 11 20.93 -14.38 4.18
C TYR B 11 19.43 -14.68 4.03
N GLN B 12 19.13 -15.84 3.47
CA GLN B 12 17.77 -16.44 3.43
C GLN B 12 17.80 -17.72 4.28
N ASP B 13 16.70 -18.47 4.32
CA ASP B 13 16.51 -19.62 5.24
C ASP B 13 17.69 -20.60 5.13
N GLU B 14 18.13 -20.94 3.92
CA GLU B 14 19.20 -21.94 3.67
C GLU B 14 20.55 -21.48 4.26
N HIS B 15 20.66 -20.19 4.63
CA HIS B 15 21.91 -19.57 5.16
C HIS B 15 21.84 -19.37 6.68
N ALA B 16 20.77 -19.83 7.35
CA ALA B 16 20.58 -19.70 8.82
C ALA B 16 19.96 -20.98 9.39
N SER B 17 20.12 -21.21 10.68
CA SER B 17 19.53 -22.35 11.44
C SER B 17 19.12 -21.90 12.84
N LEU B 18 18.26 -22.67 13.50
CA LEU B 18 17.82 -22.45 14.90
C LEU B 18 18.78 -23.15 15.87
N GLN B 19 19.77 -23.89 15.35
CA GLN B 19 20.74 -24.69 16.15
C GLN B 19 21.39 -23.81 17.23
N PRO B 20 21.85 -22.58 16.91
CA PRO B 20 22.41 -21.68 17.92
C PRO B 20 21.48 -21.26 19.07
N LEU B 21 20.16 -21.47 18.96
CA LEU B 21 19.16 -21.09 20.00
C LEU B 21 18.81 -22.30 20.88
N GLU B 22 19.32 -23.50 20.56
CA GLU B 22 19.09 -24.75 21.33
C GLU B 22 19.60 -24.56 22.76
N GLY B 23 18.71 -24.70 23.75
CA GLY B 23 19.01 -24.60 25.19
C GLY B 23 19.34 -23.18 25.63
N ARG B 24 19.07 -22.17 24.79
CA ARG B 24 19.32 -20.74 25.10
C ARG B 24 17.97 -20.03 25.32
N THR B 25 17.97 -19.03 26.21
CA THR B 25 16.81 -18.18 26.54
C THR B 25 17.01 -16.79 25.93
N VAL B 26 16.02 -16.29 25.19
CA VAL B 26 16.01 -14.90 24.63
C VAL B 26 15.16 -14.03 25.56
N ALA B 27 15.74 -12.94 26.07
CA ALA B 27 15.00 -11.88 26.80
C ALA B 27 14.61 -10.79 25.79
N VAL B 28 13.31 -10.64 25.55
CA VAL B 28 12.73 -9.53 24.74
C VAL B 28 12.46 -8.38 25.70
N ILE B 29 13.24 -7.30 25.59
CA ILE B 29 13.12 -6.07 26.43
C ILE B 29 12.18 -5.11 25.71
N GLY B 30 11.02 -4.85 26.30
CA GLY B 30 9.90 -4.12 25.67
C GLY B 30 8.92 -5.09 25.02
N TYR B 31 7.66 -4.70 24.93
CA TYR B 31 6.57 -5.53 24.35
C TYR B 31 5.67 -4.63 23.50
N GLY B 32 6.27 -3.66 22.81
CA GLY B 32 5.59 -2.69 21.94
C GLY B 32 5.45 -3.21 20.52
N ILE B 33 5.53 -2.31 19.54
CA ILE B 33 5.28 -2.63 18.10
C ILE B 33 6.22 -3.77 17.67
N GLN B 34 7.52 -3.67 17.99
CA GLN B 34 8.54 -4.69 17.61
C GLN B 34 8.59 -5.80 18.67
N GLY B 35 8.67 -5.45 19.95
CA GLY B 35 8.81 -6.40 21.07
C GLY B 35 7.78 -7.51 21.05
N ARG B 36 6.51 -7.17 20.83
CA ARG B 36 5.35 -8.11 20.86
C ARG B 36 5.45 -9.11 19.69
N ALA B 37 5.85 -8.65 18.50
CA ALA B 37 5.97 -9.49 17.29
C ALA B 37 7.17 -10.44 17.44
N PHE B 38 8.31 -9.94 17.90
CA PHE B 38 9.54 -10.74 18.17
C PHE B 38 9.19 -11.87 19.14
N ALA B 39 8.54 -11.55 20.27
CA ALA B 39 8.18 -12.50 21.35
C ALA B 39 7.22 -13.57 20.81
N ALA B 40 6.17 -13.17 20.10
CA ALA B 40 5.15 -14.06 19.50
C ALA B 40 5.82 -15.05 18.53
N ASN B 41 6.63 -14.53 17.59
CA ASN B 41 7.28 -15.33 16.51
C ASN B 41 8.33 -16.26 17.12
N LEU B 42 9.14 -15.78 18.07
CA LEU B 42 10.17 -16.59 18.77
C LEU B 42 9.50 -17.78 19.47
N ARG B 43 8.46 -17.51 20.25
CA ARG B 43 7.69 -18.54 21.01
C ARG B 43 7.16 -19.59 20.03
N ASP B 44 6.55 -19.16 18.93
CA ASP B 44 5.90 -20.05 17.92
C ASP B 44 6.98 -20.87 17.20
N SER B 45 8.21 -20.36 17.09
CA SER B 45 9.37 -21.04 16.45
C SER B 45 10.02 -22.04 17.43
N GLY B 46 9.54 -22.13 18.67
CA GLY B 46 10.05 -23.09 19.67
C GLY B 46 11.22 -22.56 20.47
N VAL B 47 11.43 -21.24 20.47
CA VAL B 47 12.53 -20.56 21.22
C VAL B 47 12.03 -20.23 22.63
N ALA B 48 12.81 -20.54 23.66
CA ALA B 48 12.57 -20.13 25.06
C ALA B 48 12.67 -18.60 25.15
N VAL B 49 11.54 -17.93 25.39
CA VAL B 49 11.46 -16.44 25.39
C VAL B 49 10.96 -15.95 26.76
N ARG B 50 11.65 -14.94 27.30
CA ARG B 50 11.28 -14.13 28.49
C ARG B 50 11.00 -12.70 28.03
N VAL B 51 10.05 -12.02 28.65
CA VAL B 51 9.77 -10.57 28.40
C VAL B 51 10.25 -9.77 29.61
N GLY B 52 11.08 -8.75 29.37
CA GLY B 52 11.48 -7.73 30.36
C GLY B 52 10.80 -6.41 30.06
N ASN B 53 10.13 -5.81 31.05
CA ASN B 53 9.30 -4.60 30.85
C ASN B 53 9.15 -3.84 32.18
N ILE B 54 9.13 -2.50 32.11
CA ILE B 54 8.76 -1.60 33.23
C ILE B 54 7.27 -1.82 33.57
N ASP B 55 6.76 -1.15 34.61
CA ASP B 55 5.39 -1.33 35.13
C ASP B 55 4.41 -0.41 34.37
N ASP B 56 3.99 -0.83 33.17
CA ASP B 56 3.01 -0.10 32.32
C ASP B 56 2.07 -1.13 31.66
N ARG B 57 1.21 -0.69 30.73
CA ARG B 57 0.16 -1.55 30.10
C ARG B 57 0.81 -2.70 29.32
N TYR B 58 2.01 -2.49 28.79
CA TYR B 58 2.75 -3.50 27.97
C TYR B 58 3.10 -4.72 28.84
N PHE B 59 3.49 -4.49 30.10
CA PHE B 59 3.74 -5.53 31.13
C PHE B 59 2.49 -6.42 31.26
N GLU B 60 1.32 -5.80 31.43
CA GLU B 60 0.01 -6.48 31.64
C GLU B 60 -0.37 -7.26 30.37
N LEU B 61 -0.17 -6.65 29.19
CA LEU B 61 -0.50 -7.28 27.87
C LEU B 61 0.33 -8.55 27.68
N ALA B 62 1.63 -8.49 27.97
CA ALA B 62 2.57 -9.62 27.86
C ALA B 62 2.11 -10.78 28.77
N ARG B 63 1.70 -10.47 30.00
CA ARG B 63 1.17 -11.47 30.97
C ARG B 63 -0.12 -12.08 30.41
N ALA B 64 -1.03 -11.24 29.92
CA ALA B 64 -2.35 -11.63 29.35
C ALA B 64 -2.14 -12.57 28.15
N GLU B 65 -1.06 -12.37 27.39
CA GLU B 65 -0.73 -13.18 26.18
C GLU B 65 0.22 -14.33 26.56
N GLY B 66 0.38 -14.60 27.86
CA GLY B 66 0.91 -15.88 28.39
C GLY B 66 2.43 -15.95 28.42
N HIS B 67 3.11 -14.80 28.40
CA HIS B 67 4.59 -14.72 28.48
C HIS B 67 5.05 -14.77 29.95
N ARG B 68 6.29 -15.20 30.18
CA ARG B 68 7.04 -14.94 31.44
C ARG B 68 7.45 -13.47 31.44
N VAL B 69 6.90 -12.66 32.35
CA VAL B 69 7.14 -11.18 32.38
C VAL B 69 7.72 -10.80 33.75
N THR B 70 8.88 -10.14 33.73
CA THR B 70 9.55 -9.54 34.93
C THR B 70 10.02 -8.12 34.58
N ASN B 71 10.59 -7.41 35.55
CA ASN B 71 11.36 -6.17 35.31
C ASN B 71 12.51 -6.52 34.35
N ILE B 72 13.16 -5.51 33.78
CA ILE B 72 14.17 -5.69 32.69
C ILE B 72 15.42 -6.37 33.25
N ALA B 73 15.92 -5.93 34.41
CA ALA B 73 17.17 -6.44 35.04
C ALA B 73 17.09 -7.96 35.25
N GLU B 74 15.97 -8.46 35.78
CA GLU B 74 15.76 -9.91 36.06
C GLU B 74 15.75 -10.69 34.74
N ALA B 75 15.04 -10.19 33.72
CA ALA B 75 14.96 -10.80 32.37
C ALA B 75 16.38 -10.93 31.80
N VAL B 76 17.18 -9.86 31.84
CA VAL B 76 18.57 -9.82 31.32
C VAL B 76 19.43 -10.83 32.07
N ALA B 77 19.32 -10.87 33.40
CA ALA B 77 20.12 -11.74 34.31
C ALA B 77 19.94 -13.22 33.96
N HIS B 78 18.78 -13.59 33.39
CA HIS B 78 18.39 -15.00 33.11
C HIS B 78 18.35 -15.26 31.60
N ALA B 79 19.10 -14.49 30.80
CA ALA B 79 19.06 -14.53 29.32
C ALA B 79 20.45 -14.79 28.74
N ASP B 80 20.48 -15.50 27.60
CA ASP B 80 21.68 -15.75 26.76
C ASP B 80 21.72 -14.72 25.64
N ILE B 81 20.55 -14.30 25.15
CA ILE B 81 20.39 -13.28 24.08
C ILE B 81 19.38 -12.24 24.59
N VAL B 82 19.71 -10.96 24.44
CA VAL B 82 18.86 -9.82 24.89
C VAL B 82 18.55 -8.95 23.66
N LEU B 83 17.26 -8.74 23.36
CA LEU B 83 16.77 -7.87 22.28
C LEU B 83 16.20 -6.59 22.92
N LEU B 84 16.89 -5.46 22.76
CA LEU B 84 16.48 -4.15 23.34
C LEU B 84 15.49 -3.48 22.39
N LEU B 85 14.20 -3.77 22.58
CA LEU B 85 13.10 -3.30 21.69
C LEU B 85 12.22 -2.32 22.45
N ILE B 86 12.81 -1.22 22.91
CA ILE B 86 12.13 -0.05 23.54
C ILE B 86 12.54 1.20 22.75
N PRO B 87 11.85 2.35 22.93
CA PRO B 87 12.22 3.57 22.21
C PRO B 87 13.71 3.91 22.35
N ASP B 88 14.31 4.41 21.26
CA ASP B 88 15.78 4.57 21.09
C ASP B 88 16.32 5.54 22.15
N GLU B 89 15.57 6.58 22.49
CA GLU B 89 16.00 7.62 23.47
C GLU B 89 16.08 7.04 24.88
N ALA B 90 15.43 5.89 25.14
CA ALA B 90 15.42 5.21 26.46
C ALA B 90 16.57 4.19 26.58
N HIS B 91 17.29 3.92 25.49
CA HIS B 91 18.35 2.86 25.42
C HIS B 91 19.48 3.14 26.42
N GLY B 92 19.99 4.38 26.45
CA GLY B 92 21.16 4.76 27.26
C GLY B 92 21.01 4.45 28.74
N ALA B 93 19.90 4.89 29.35
CA ALA B 93 19.59 4.74 30.79
C ALA B 93 19.36 3.25 31.11
N VAL B 94 18.52 2.58 30.30
CA VAL B 94 18.16 1.14 30.46
C VAL B 94 19.43 0.29 30.33
N PHE B 95 20.31 0.61 29.37
CA PHE B 95 21.60 -0.11 29.12
C PHE B 95 22.52 0.08 30.34
N ASP B 96 22.70 1.33 30.79
CA ASP B 96 23.60 1.70 31.92
C ASP B 96 23.12 1.01 33.20
N VAL B 97 21.82 1.08 33.49
CA VAL B 97 21.24 0.69 34.81
C VAL B 97 20.81 -0.79 34.80
N ASP B 98 20.17 -1.26 33.72
CA ASP B 98 19.47 -2.59 33.72
C ASP B 98 20.29 -3.65 32.97
N ILE B 99 20.86 -3.34 31.80
CA ILE B 99 21.47 -4.36 30.89
C ILE B 99 22.93 -4.60 31.28
N ALA B 100 23.79 -3.56 31.20
CA ALA B 100 25.26 -3.66 31.34
C ALA B 100 25.62 -4.40 32.63
N PRO B 101 25.06 -4.06 33.81
CA PRO B 101 25.38 -4.79 35.04
C PRO B 101 24.92 -6.26 35.09
N ASN B 102 23.96 -6.66 34.25
CA ASN B 102 23.24 -7.96 34.37
C ASN B 102 23.49 -8.88 33.16
N LEU B 103 24.17 -8.38 32.11
CA LEU B 103 24.46 -9.15 30.87
C LEU B 103 25.52 -10.21 31.20
N ARG B 104 25.18 -11.50 31.06
CA ARG B 104 26.07 -12.65 31.32
C ARG B 104 27.28 -12.61 30.37
N ASP B 105 28.40 -13.21 30.78
CA ASP B 105 29.58 -13.49 29.91
C ASP B 105 29.11 -14.26 28.68
N GLY B 106 29.52 -13.83 27.49
CA GLY B 106 29.26 -14.51 26.21
C GLY B 106 27.84 -14.30 25.71
N ALA B 107 27.03 -13.50 26.42
CA ALA B 107 25.64 -13.17 26.02
C ALA B 107 25.67 -12.17 24.85
N LEU B 108 24.62 -12.17 24.04
CA LEU B 108 24.45 -11.27 22.87
C LEU B 108 23.41 -10.20 23.21
N LEU B 109 23.74 -8.92 22.98
CA LEU B 109 22.77 -7.80 22.98
C LEU B 109 22.51 -7.39 21.53
N CYS B 110 21.23 -7.29 21.15
CA CYS B 110 20.78 -6.82 19.80
C CYS B 110 19.92 -5.57 19.96
N VAL B 111 20.15 -4.59 19.07
CA VAL B 111 19.27 -3.41 18.85
C VAL B 111 18.60 -3.59 17.48
N ALA B 112 17.45 -2.95 17.26
CA ALA B 112 16.67 -3.03 16.00
C ALA B 112 16.79 -1.71 15.22
N HIS B 113 17.66 -0.81 15.67
CA HIS B 113 17.92 0.53 15.06
C HIS B 113 19.33 0.96 15.49
N GLY B 114 20.08 1.58 14.58
CA GLY B 114 21.50 1.93 14.81
C GLY B 114 21.68 3.18 15.65
N HIS B 115 20.60 3.91 15.97
CA HIS B 115 20.67 5.28 16.55
C HIS B 115 21.45 5.29 17.87
N SER B 116 21.14 4.37 18.79
CA SER B 116 21.77 4.29 20.14
C SER B 116 23.26 3.94 19.99
N LEU B 117 23.62 3.20 18.94
CA LEU B 117 25.02 2.81 18.62
C LEU B 117 25.78 4.02 18.08
N VAL B 118 25.15 4.84 17.23
CA VAL B 118 25.75 6.08 16.65
C VAL B 118 26.02 7.08 17.77
N GLN B 119 25.08 7.24 18.71
CA GLN B 119 25.14 8.25 19.80
C GLN B 119 26.06 7.78 20.95
N GLY B 120 26.44 6.49 20.97
CA GLY B 120 27.31 5.90 22.01
C GLY B 120 26.53 5.57 23.28
N ASP B 121 25.20 5.49 23.20
CA ASP B 121 24.29 5.17 24.33
C ASP B 121 24.32 3.68 24.62
N VAL B 122 24.56 2.85 23.59
CA VAL B 122 24.82 1.39 23.69
C VAL B 122 26.22 1.14 23.12
N ARG B 123 27.07 0.44 23.88
CA ARG B 123 28.52 0.26 23.57
C ARG B 123 28.88 -1.21 23.73
N PRO B 124 29.92 -1.71 23.00
CA PRO B 124 30.43 -3.05 23.23
C PRO B 124 30.85 -3.23 24.70
N LEU B 125 30.53 -4.38 25.28
CA LEU B 125 30.96 -4.76 26.65
C LEU B 125 31.98 -5.89 26.55
N PRO B 126 33.11 -5.80 27.28
CA PRO B 126 34.09 -6.89 27.31
C PRO B 126 33.43 -8.23 27.66
N GLY B 127 33.73 -9.28 26.89
CA GLY B 127 33.24 -10.66 27.13
C GLY B 127 31.87 -10.91 26.55
N ARG B 128 31.25 -9.92 25.88
CA ARG B 128 29.88 -10.03 25.31
C ARG B 128 29.87 -9.66 23.83
N ASP B 129 28.78 -10.02 23.15
CA ASP B 129 28.51 -9.70 21.72
C ASP B 129 27.51 -8.55 21.64
N LEU B 130 27.64 -7.71 20.62
CA LEU B 130 26.71 -6.59 20.31
C LEU B 130 26.41 -6.60 18.82
N ALA B 131 25.13 -6.51 18.45
CA ALA B 131 24.66 -6.61 17.04
C ALA B 131 23.44 -5.72 16.82
N MET B 132 23.21 -5.36 15.56
CA MET B 132 21.94 -4.76 15.06
C MET B 132 21.23 -5.82 14.22
N LEU B 133 19.95 -6.08 14.51
CA LEU B 133 19.01 -6.76 13.59
C LEU B 133 17.80 -5.85 13.43
N ALA B 134 17.74 -5.11 12.31
CA ALA B 134 16.81 -3.99 12.09
C ALA B 134 15.77 -4.40 11.04
N PRO B 135 14.54 -4.75 11.44
CA PRO B 135 13.47 -5.08 10.49
C PRO B 135 13.08 -3.87 9.62
N ARG B 136 12.75 -4.11 8.35
CA ARG B 136 12.32 -3.08 7.37
C ARG B 136 10.79 -3.06 7.30
N MET B 137 10.12 -3.21 8.45
CA MET B 137 8.65 -3.40 8.54
C MET B 137 8.22 -3.24 10.01
N TYR B 138 6.97 -2.87 10.24
CA TYR B 138 6.38 -2.74 11.60
C TYR B 138 5.79 -4.09 12.02
N GLY B 139 5.28 -4.16 13.26
CA GLY B 139 5.03 -5.40 14.01
C GLY B 139 3.95 -6.27 13.39
N ASP B 140 2.77 -5.71 13.13
CA ASP B 140 1.58 -6.47 12.68
C ASP B 140 1.91 -7.22 11.39
N PRO B 141 2.40 -6.55 10.32
CA PRO B 141 2.85 -7.25 9.12
C PRO B 141 3.91 -8.33 9.37
N ILE B 142 4.92 -8.03 10.20
CA ILE B 142 5.96 -9.01 10.64
C ILE B 142 5.26 -10.25 11.20
N ARG B 143 4.23 -10.06 12.02
CA ARG B 143 3.45 -11.15 12.67
C ARG B 143 2.61 -11.89 11.62
N ARG B 144 1.83 -11.16 10.81
CA ARG B 144 0.94 -11.75 9.77
C ARG B 144 1.76 -12.56 8.76
N TYR B 145 2.85 -11.98 8.25
CA TYR B 145 3.78 -12.63 7.28
C TYR B 145 4.28 -13.95 7.87
N TYR B 146 4.72 -13.92 9.14
CA TYR B 146 5.28 -15.08 9.87
C TYR B 146 4.26 -16.24 9.85
N LEU B 147 3.00 -15.95 10.16
CA LEU B 147 1.90 -16.95 10.27
C LEU B 147 1.55 -17.51 8.88
N ALA B 148 1.89 -16.80 7.81
CA ALA B 148 1.64 -17.22 6.41
C ALA B 148 2.85 -17.96 5.83
N GLY B 149 3.89 -18.22 6.63
CA GLY B 149 5.14 -18.84 6.17
C GLY B 149 5.99 -17.88 5.36
N GLN B 150 5.77 -16.57 5.56
CA GLN B 150 6.47 -15.47 4.84
C GLN B 150 7.24 -14.63 5.86
N GLY B 151 7.89 -13.56 5.41
CA GLY B 151 8.63 -12.65 6.28
C GLY B 151 8.85 -11.29 5.65
N ALA B 152 9.37 -10.35 6.44
CA ALA B 152 9.81 -9.00 6.01
C ALA B 152 11.33 -8.97 5.97
N PRO B 153 11.95 -8.14 5.11
CA PRO B 153 13.40 -8.00 5.07
C PRO B 153 13.94 -7.37 6.35
N ALA B 154 15.24 -7.53 6.60
CA ALA B 154 15.97 -6.92 7.73
C ALA B 154 17.40 -6.59 7.29
N TYR B 155 18.02 -5.62 7.96
CA TYR B 155 19.49 -5.35 7.88
C TYR B 155 20.12 -5.82 9.19
N PHE B 156 21.35 -6.32 9.14
CA PHE B 156 22.10 -6.75 10.33
C PHE B 156 23.54 -6.24 10.27
N ASP B 157 24.14 -6.05 11.43
CA ASP B 157 25.55 -5.64 11.62
C ASP B 157 26.07 -6.27 12.90
N ILE B 158 27.22 -6.95 12.82
CA ILE B 158 27.95 -7.49 14.00
C ILE B 158 28.93 -6.40 14.47
N VAL B 159 28.60 -5.73 15.56
CA VAL B 159 29.35 -4.56 16.11
C VAL B 159 30.53 -5.10 16.93
N ALA B 160 30.26 -5.99 17.90
CA ALA B 160 31.27 -6.66 18.75
C ALA B 160 30.97 -8.16 18.79
N ASP B 161 32.00 -9.00 18.62
CA ASP B 161 31.89 -10.47 18.56
C ASP B 161 33.00 -11.10 19.42
N HIS B 162 32.83 -11.08 20.75
CA HIS B 162 33.78 -11.72 21.71
C HIS B 162 33.75 -13.24 21.51
N THR B 163 32.56 -13.84 21.47
CA THR B 163 32.36 -15.31 21.46
C THR B 163 32.85 -15.89 20.13
N GLY B 164 32.78 -15.10 19.04
CA GLY B 164 33.04 -15.56 17.67
C GLY B 164 31.84 -16.27 17.09
N ARG B 165 30.67 -16.14 17.74
CA ARG B 165 29.39 -16.81 17.34
C ARG B 165 28.24 -15.79 17.29
N ALA B 166 28.56 -14.50 17.33
CA ALA B 166 27.57 -13.39 17.27
C ALA B 166 26.72 -13.55 16.00
N ARG B 167 27.37 -13.75 14.85
CA ARG B 167 26.73 -13.84 13.51
C ARG B 167 25.70 -14.99 13.51
N ASP B 168 26.14 -16.20 13.85
CA ASP B 168 25.29 -17.43 13.94
C ASP B 168 24.02 -17.13 14.75
N ARG B 169 24.17 -16.49 15.91
CA ARG B 169 23.07 -16.29 16.90
C ARG B 169 22.10 -15.22 16.39
N VAL B 170 22.61 -14.13 15.81
CA VAL B 170 21.77 -13.02 15.25
C VAL B 170 20.91 -13.58 14.11
N LEU B 171 21.51 -14.35 13.20
CA LEU B 171 20.81 -14.91 12.00
C LEU B 171 19.83 -16.01 12.46
N ALA B 172 20.14 -16.70 13.56
CA ALA B 172 19.25 -17.68 14.21
C ALA B 172 17.98 -16.97 14.70
N ILE B 173 18.12 -15.81 15.37
CA ILE B 173 16.98 -14.95 15.80
C ILE B 173 16.19 -14.54 14.55
N ALA B 174 16.89 -14.03 13.53
CA ALA B 174 16.30 -13.53 12.27
C ALA B 174 15.46 -14.64 11.61
N ARG B 175 15.96 -15.87 11.60
CA ARG B 175 15.23 -17.05 11.04
C ARG B 175 14.00 -17.37 11.89
N ALA B 176 14.12 -17.35 13.22
CA ALA B 176 13.03 -17.69 14.16
C ALA B 176 11.88 -16.68 14.04
N VAL B 177 12.19 -15.42 13.71
CA VAL B 177 11.20 -14.31 13.61
C VAL B 177 10.74 -14.18 12.15
N GLY B 178 11.45 -14.81 11.20
CA GLY B 178 11.00 -15.03 9.82
C GLY B 178 11.63 -14.10 8.79
N PHE B 179 12.61 -13.28 9.18
CA PHE B 179 13.23 -12.25 8.29
C PHE B 179 14.02 -12.92 7.15
N THR B 180 14.58 -14.11 7.40
CA THR B 180 15.38 -14.89 6.39
C THR B 180 14.48 -15.46 5.28
N ARG B 181 13.15 -15.45 5.44
CA ARG B 181 12.20 -15.88 4.39
C ARG B 181 12.11 -14.80 3.30
N ALA B 182 12.38 -13.55 3.65
CA ALA B 182 12.51 -12.41 2.72
C ALA B 182 13.97 -12.28 2.30
N GLY B 183 14.83 -11.98 3.29
CA GLY B 183 16.27 -11.73 3.10
C GLY B 183 16.80 -10.82 4.19
N VAL B 184 17.97 -11.15 4.75
CA VAL B 184 18.63 -10.35 5.82
C VAL B 184 20.01 -9.94 5.29
N MET B 185 20.15 -8.66 4.97
CA MET B 185 21.34 -8.10 4.28
C MET B 185 22.26 -7.42 5.30
N ALA B 186 23.56 -7.65 5.20
CA ALA B 186 24.61 -6.95 5.97
C ALA B 186 24.59 -5.46 5.58
N LEU B 187 24.43 -4.57 6.56
CA LEU B 187 24.53 -3.10 6.40
C LEU B 187 24.99 -2.50 7.74
N GLY B 188 25.94 -1.56 7.69
CA GLY B 188 26.49 -0.87 8.87
C GLY B 188 25.39 -0.16 9.65
N TYR B 189 25.50 -0.13 10.99
CA TYR B 189 24.50 0.47 11.91
C TYR B 189 24.36 1.97 11.62
N ARG B 190 25.46 2.64 11.28
CA ARG B 190 25.49 4.09 10.95
C ARG B 190 24.61 4.32 9.71
N GLN B 191 24.85 3.58 8.63
CA GLN B 191 24.08 3.72 7.36
C GLN B 191 22.60 3.39 7.62
N GLU B 192 22.33 2.32 8.38
CA GLU B 192 20.95 1.90 8.74
C GLU B 192 20.24 3.07 9.44
N THR B 193 20.90 3.69 10.41
CA THR B 193 20.36 4.84 11.19
C THR B 193 19.90 5.94 10.22
N PHE B 194 20.79 6.36 9.32
CA PHE B 194 20.58 7.52 8.41
C PHE B 194 19.49 7.18 7.38
N LEU B 195 19.51 5.96 6.82
CA LEU B 195 18.47 5.45 5.87
C LEU B 195 17.09 5.48 6.54
N ASP B 196 16.99 4.88 7.71
CA ASP B 196 15.74 4.68 8.48
C ASP B 196 15.11 6.05 8.79
N LEU B 197 15.91 6.97 9.34
CA LEU B 197 15.47 8.34 9.74
C LEU B 197 15.05 9.13 8.50
N PHE B 198 15.76 8.97 7.37
CA PHE B 198 15.44 9.63 6.08
C PHE B 198 14.05 9.20 5.60
N GLN B 199 13.77 7.89 5.65
CA GLN B 199 12.45 7.31 5.26
C GLN B 199 11.34 7.97 6.09
N GLU B 200 11.60 8.22 7.37
CA GLU B 200 10.61 8.72 8.36
C GLU B 200 10.45 10.24 8.28
N GLN B 201 11.49 10.97 7.83
CA GLN B 201 11.57 12.45 7.94
C GLN B 201 11.39 13.11 6.58
N PHE B 202 11.81 12.47 5.48
CA PHE B 202 11.57 12.96 4.11
C PHE B 202 10.40 12.22 3.46
N LEU B 203 10.54 10.90 3.26
CA LEU B 203 9.67 10.14 2.32
C LEU B 203 8.24 10.05 2.87
N ALA B 204 8.06 9.55 4.10
CA ALA B 204 6.72 9.31 4.68
C ALA B 204 5.95 10.63 4.79
N PRO B 205 6.53 11.71 5.38
CA PRO B 205 5.87 13.02 5.40
C PRO B 205 5.49 13.52 4.00
N ALA B 206 6.40 13.37 3.04
CA ALA B 206 6.26 13.86 1.64
C ALA B 206 5.11 13.11 0.96
N LEU B 207 5.03 11.78 1.12
CA LEU B 207 3.94 10.94 0.55
C LEU B 207 2.60 11.43 1.08
N VAL B 208 2.47 11.61 2.40
CA VAL B 208 1.19 12.03 3.04
C VAL B 208 0.89 13.49 2.67
N ASP B 209 1.91 14.35 2.60
CA ASP B 209 1.75 15.77 2.15
C ASP B 209 1.19 15.79 0.73
N LEU B 210 1.70 14.89 -0.14
CA LEU B 210 1.31 14.75 -1.57
C LEU B 210 -0.17 14.36 -1.65
N VAL B 211 -0.57 13.33 -0.90
CA VAL B 211 -1.97 12.84 -0.78
C VAL B 211 -2.86 14.00 -0.29
N GLU B 212 -2.41 14.70 0.74
CA GLU B 212 -3.15 15.82 1.39
C GLU B 212 -3.33 16.97 0.39
N THR B 213 -2.30 17.30 -0.38
CA THR B 213 -2.33 18.35 -1.44
C THR B 213 -3.37 17.95 -2.49
N GLY B 214 -3.36 16.69 -2.93
CA GLY B 214 -4.35 16.13 -3.87
C GLY B 214 -5.77 16.39 -3.38
N PHE B 215 -6.04 16.06 -2.11
CA PHE B 215 -7.35 16.26 -1.43
C PHE B 215 -7.73 17.74 -1.44
N GLN B 216 -6.80 18.60 -0.96
CA GLN B 216 -7.02 20.06 -0.78
C GLN B 216 -7.41 20.69 -2.12
N VAL B 217 -6.69 20.36 -3.20
CA VAL B 217 -6.88 20.97 -4.55
C VAL B 217 -8.25 20.55 -5.10
N LEU B 218 -8.60 19.27 -5.00
CA LEU B 218 -9.92 18.73 -5.45
C LEU B 218 -11.05 19.45 -4.68
N VAL B 219 -10.97 19.45 -3.35
CA VAL B 219 -12.01 20.01 -2.43
C VAL B 219 -12.15 21.52 -2.68
N GLU B 220 -11.02 22.22 -2.88
CA GLU B 220 -11.00 23.70 -3.10
C GLU B 220 -11.68 24.04 -4.43
N ARG B 221 -11.71 23.12 -5.39
CA ARG B 221 -12.31 23.32 -6.74
C ARG B 221 -13.70 22.68 -6.82
N GLY B 222 -14.28 22.33 -5.66
CA GLY B 222 -15.71 22.00 -5.52
C GLY B 222 -16.01 20.51 -5.67
N PHE B 223 -14.99 19.64 -5.68
CA PHE B 223 -15.19 18.18 -5.78
C PHE B 223 -15.77 17.65 -4.46
N ASN B 224 -16.64 16.65 -4.56
CA ASN B 224 -17.20 15.88 -3.41
C ASN B 224 -16.06 15.47 -2.48
N PRO B 225 -16.04 15.92 -1.21
CA PRO B 225 -14.92 15.63 -0.30
C PRO B 225 -14.70 14.14 -0.01
N LYS B 226 -15.78 13.36 0.13
CA LYS B 226 -15.70 11.88 0.34
C LYS B 226 -15.01 11.25 -0.87
N ALA B 227 -15.44 11.62 -2.09
CA ALA B 227 -14.89 11.11 -3.37
C ALA B 227 -13.42 11.50 -3.48
N ALA B 228 -13.07 12.76 -3.18
CA ALA B 228 -11.68 13.28 -3.20
C ALA B 228 -10.81 12.44 -2.25
N LEU B 229 -11.30 12.19 -1.04
CA LEU B 229 -10.58 11.43 0.03
C LEU B 229 -10.32 9.99 -0.47
N LEU B 230 -11.36 9.33 -0.99
CA LEU B 230 -11.27 7.91 -1.48
C LEU B 230 -10.22 7.79 -2.59
N GLU B 231 -10.19 8.73 -3.55
CA GLU B 231 -9.29 8.68 -4.72
C GLU B 231 -7.83 8.84 -4.28
N VAL B 232 -7.55 9.77 -3.37
CA VAL B 232 -6.15 10.14 -3.02
C VAL B 232 -5.52 9.07 -2.11
N TYR B 233 -6.32 8.28 -1.39
CA TYR B 233 -5.84 7.09 -0.63
C TYR B 233 -6.97 6.26 -0.01
N GLY B 234 -8.12 6.88 0.31
CA GLY B 234 -9.19 6.31 1.17
C GLY B 234 -9.81 5.04 0.61
N SER B 235 -9.80 4.87 -0.71
CA SER B 235 -10.33 3.65 -1.41
C SER B 235 -9.38 2.47 -1.18
N GLY B 236 -8.11 2.77 -0.83
CA GLY B 236 -7.03 1.78 -0.69
C GLY B 236 -6.30 1.52 -2.00
N GLU B 237 -6.70 2.21 -3.07
CA GLU B 237 -6.18 1.96 -4.44
C GLU B 237 -4.71 2.37 -4.53
N MET B 238 -4.36 3.56 -4.04
CA MET B 238 -2.96 4.08 -4.09
C MET B 238 -2.06 3.21 -3.20
N GLY B 239 -2.55 2.83 -2.01
CA GLY B 239 -1.87 1.88 -1.11
C GLY B 239 -1.60 0.56 -1.80
N LYS B 240 -2.63 -0.03 -2.44
CA LYS B 240 -2.54 -1.31 -3.18
C LYS B 240 -1.52 -1.17 -4.32
N MET B 241 -1.55 -0.06 -5.07
CA MET B 241 -0.59 0.25 -6.15
C MET B 241 0.84 0.20 -5.61
N MET B 242 1.09 0.87 -4.48
CA MET B 242 2.44 0.99 -3.86
C MET B 242 2.89 -0.36 -3.30
N LEU B 243 1.96 -1.17 -2.77
CA LEU B 243 2.28 -2.48 -2.15
C LEU B 243 2.53 -3.53 -3.25
N ASP B 244 1.66 -3.59 -4.28
CA ASP B 244 1.88 -4.43 -5.49
C ASP B 244 3.17 -3.96 -6.17
N GLY B 245 3.41 -2.65 -6.22
CA GLY B 245 4.63 -2.02 -6.76
C GLY B 245 5.88 -2.55 -6.09
N ALA B 246 5.85 -2.73 -4.76
CA ALA B 246 6.95 -3.33 -3.97
C ALA B 246 7.35 -4.68 -4.60
N ASP B 247 6.37 -5.45 -5.08
CA ASP B 247 6.60 -6.79 -5.69
C ASP B 247 7.19 -6.64 -7.10
N ILE B 248 6.44 -6.02 -8.03
CA ILE B 248 6.74 -6.09 -9.49
C ILE B 248 7.30 -4.77 -10.04
N GLY B 249 7.29 -3.69 -9.25
CA GLY B 249 7.76 -2.35 -9.68
C GLY B 249 6.59 -1.39 -9.86
N LEU B 250 6.82 -0.10 -9.58
CA LEU B 250 5.74 0.94 -9.52
C LEU B 250 5.24 1.27 -10.92
N ASP B 251 6.15 1.50 -11.87
CA ASP B 251 5.82 1.74 -13.30
C ASP B 251 5.15 0.50 -13.90
N GLU B 252 5.60 -0.69 -13.48
CA GLU B 252 5.13 -2.00 -13.99
C GLU B 252 3.68 -2.25 -13.54
N VAL B 253 3.32 -1.88 -12.31
CA VAL B 253 1.94 -2.02 -11.76
C VAL B 253 0.97 -1.25 -12.66
N VAL B 254 1.36 -0.04 -13.09
CA VAL B 254 0.55 0.84 -13.97
C VAL B 254 0.41 0.18 -15.35
N ALA B 255 1.50 -0.36 -15.90
CA ALA B 255 1.53 -1.03 -17.21
C ALA B 255 0.63 -2.28 -17.19
N LEU B 256 0.51 -2.93 -16.03
CA LEU B 256 -0.22 -4.22 -15.86
C LEU B 256 -1.69 -3.97 -15.50
N GLN B 257 -1.98 -3.02 -14.59
CA GLN B 257 -3.31 -2.88 -13.92
C GLN B 257 -4.06 -1.62 -14.38
N GLY B 258 -3.41 -0.70 -15.09
CA GLY B 258 -4.04 0.55 -15.55
C GLY B 258 -4.66 0.40 -16.92
N SER B 259 -5.86 0.95 -17.14
CA SER B 259 -6.46 1.13 -18.48
C SER B 259 -5.49 1.89 -19.36
N PRO B 260 -5.59 1.81 -20.71
CA PRO B 260 -4.74 2.61 -21.59
C PRO B 260 -4.91 4.12 -21.30
N THR B 261 -6.13 4.56 -21.00
CA THR B 261 -6.46 5.94 -20.56
C THR B 261 -5.56 6.32 -19.38
N CYS B 262 -5.50 5.45 -18.37
CA CYS B 262 -4.70 5.63 -17.13
C CYS B 262 -3.21 5.70 -17.47
N GLN B 263 -2.71 4.77 -18.30
CA GLN B 263 -1.28 4.62 -18.64
C GLN B 263 -0.79 5.85 -19.43
N VAL B 264 -1.61 6.38 -20.34
CA VAL B 264 -1.25 7.58 -21.17
C VAL B 264 -1.20 8.81 -20.25
N GLY B 265 -2.17 8.95 -19.35
CA GLY B 265 -2.22 10.04 -18.34
C GLY B 265 -1.02 10.00 -17.41
N TYR B 266 -0.70 8.83 -16.86
CA TYR B 266 0.44 8.58 -15.93
C TYR B 266 1.76 8.95 -16.62
N HIS B 267 2.00 8.45 -17.83
CA HIS B 267 3.28 8.62 -18.58
C HIS B 267 3.41 10.07 -19.10
N ARG B 268 2.32 10.83 -19.15
CA ARG B 268 2.37 12.27 -19.56
C ARG B 268 3.12 13.09 -18.51
N TRP B 269 2.95 12.78 -17.22
CA TRP B 269 3.45 13.61 -16.08
C TRP B 269 4.51 12.87 -15.25
N ARG B 270 4.66 11.55 -15.42
CA ARG B 270 5.69 10.76 -14.73
C ARG B 270 7.07 11.38 -14.99
N GLY B 271 7.85 11.61 -13.93
CA GLY B 271 9.21 12.19 -13.99
C GLY B 271 9.20 13.71 -14.09
N ARG B 272 8.03 14.35 -14.08
CA ARG B 272 7.88 15.81 -14.38
C ARG B 272 7.04 16.54 -13.31
N THR B 273 6.64 15.89 -12.21
CA THR B 273 5.67 16.48 -11.24
C THR B 273 6.37 17.34 -10.18
N LEU B 274 7.64 17.10 -9.88
CA LEU B 274 8.32 17.71 -8.70
C LEU B 274 9.30 18.78 -9.15
N PRO B 275 9.30 19.97 -8.51
CA PRO B 275 10.34 20.98 -8.76
C PRO B 275 11.62 20.55 -8.03
N THR B 276 12.74 21.16 -8.37
CA THR B 276 14.09 20.78 -7.87
C THR B 276 14.15 20.96 -6.34
N ALA B 277 13.30 21.83 -5.79
CA ALA B 277 13.22 22.15 -4.34
C ALA B 277 12.94 20.90 -3.48
N VAL B 278 12.20 19.92 -4.01
CA VAL B 278 11.86 18.67 -3.27
C VAL B 278 13.16 17.86 -3.10
N ARG B 279 13.90 17.66 -4.18
CA ARG B 279 15.24 16.98 -4.21
C ARG B 279 16.16 17.66 -3.19
N GLU B 280 16.18 19.00 -3.17
CA GLU B 280 17.03 19.82 -2.27
C GLU B 280 16.61 19.61 -0.82
N LEU B 281 15.30 19.56 -0.54
CA LEU B 281 14.79 19.35 0.84
C LEU B 281 15.24 17.97 1.33
N ALA B 282 15.18 16.94 0.48
CA ALA B 282 15.63 15.57 0.81
C ALA B 282 17.09 15.61 1.27
N ALA B 283 17.94 16.36 0.55
CA ALA B 283 19.37 16.58 0.87
C ALA B 283 19.51 17.28 2.23
N ARG B 284 18.67 18.30 2.49
CA ARG B 284 18.66 19.08 3.76
C ARG B 284 18.30 18.16 4.93
N VAL B 285 17.24 17.35 4.77
CA VAL B 285 16.78 16.39 5.82
C VAL B 285 17.95 15.45 6.15
N LEU B 286 18.66 14.97 5.12
CA LEU B 286 19.80 14.03 5.23
C LEU B 286 20.96 14.71 5.98
N ASP B 287 21.18 16.01 5.74
CA ASP B 287 22.20 16.84 6.44
C ASP B 287 21.86 16.94 7.94
N GLN B 288 20.60 17.22 8.26
CA GLN B 288 20.10 17.31 9.66
C GLN B 288 20.30 15.97 10.38
N ILE B 289 20.06 14.87 9.67
CA ILE B 289 20.19 13.48 10.22
C ILE B 289 21.68 13.17 10.46
N GLU B 290 22.53 13.37 9.44
CA GLU B 290 23.96 12.96 9.45
C GLU B 290 24.77 13.89 10.37
N GLY B 291 24.35 15.14 10.54
CA GLY B 291 25.16 16.21 11.17
C GLY B 291 24.88 16.40 12.65
N GLY B 292 23.89 15.70 13.21
CA GLY B 292 23.59 15.68 14.66
C GLY B 292 22.38 16.52 15.03
N ASP B 293 21.84 17.31 14.11
CA ASP B 293 20.74 18.27 14.39
C ASP B 293 19.46 17.51 14.79
N PHE B 294 19.10 16.45 14.06
CA PHE B 294 17.90 15.64 14.40
C PHE B 294 18.08 15.00 15.78
N SER B 295 19.25 14.42 16.06
CA SER B 295 19.59 13.77 17.36
C SER B 295 19.31 14.74 18.51
N ALA B 296 19.74 16.00 18.37
CA ALA B 296 19.53 17.07 19.36
C ALA B 296 18.02 17.36 19.47
N TYR B 297 17.32 17.46 18.34
CA TYR B 297 15.86 17.73 18.26
C TYR B 297 15.10 16.59 18.96
N LEU B 298 15.50 15.34 18.72
CA LEU B 298 14.85 14.14 19.30
C LEU B 298 15.03 14.11 20.81
N LYS B 299 16.23 14.44 21.31
CA LYS B 299 16.55 14.47 22.76
C LYS B 299 15.66 15.52 23.45
N GLU B 300 15.54 16.70 22.85
CA GLU B 300 14.67 17.81 23.34
C GLU B 300 13.20 17.35 23.34
N GLN B 301 12.75 16.72 22.25
CA GLN B 301 11.33 16.30 22.02
C GLN B 301 10.92 15.20 23.00
N ALA B 302 11.88 14.39 23.47
CA ALA B 302 11.66 13.27 24.41
C ALA B 302 11.49 13.78 25.84
N SER B 303 11.45 15.11 26.03
CA SER B 303 11.20 15.77 27.35
C SER B 303 9.71 15.69 27.69
N ASN B 304 9.39 15.54 28.97
CA ASN B 304 7.99 15.46 29.51
C ASN B 304 7.29 14.26 28.85
N ASP B 305 8.03 13.16 28.66
CA ASP B 305 7.55 11.92 27.99
C ASP B 305 6.83 12.29 26.69
N TYR B 306 7.52 13.02 25.80
CA TYR B 306 7.11 13.31 24.41
C TYR B 306 5.81 14.14 24.39
N ALA B 307 5.74 15.19 25.21
CA ALA B 307 4.57 16.09 25.36
C ALA B 307 4.21 16.72 24.01
N SER B 308 5.21 17.24 23.29
CA SER B 308 5.06 17.87 21.94
C SER B 308 4.43 16.87 20.95
N LEU B 309 4.96 15.64 20.92
CA LEU B 309 4.45 14.55 20.04
C LEU B 309 2.95 14.32 20.31
N ASP B 310 2.56 14.26 21.58
CA ASP B 310 1.16 14.06 22.03
C ASP B 310 0.28 15.18 21.46
N ASP B 311 0.75 16.43 21.55
CA ASP B 311 0.06 17.64 21.02
C ASP B 311 -0.08 17.54 19.49
N ALA B 312 0.99 17.15 18.79
CA ALA B 312 1.03 16.99 17.32
C ALA B 312 0.03 15.90 16.88
N ARG B 313 0.03 14.76 17.57
CA ARG B 313 -0.88 13.61 17.27
C ARG B 313 -2.33 14.08 17.34
N ARG B 314 -2.71 14.80 18.42
CA ARG B 314 -4.10 15.27 18.67
C ARG B 314 -4.45 16.39 17.67
N ALA B 315 -3.51 17.27 17.33
CA ALA B 315 -3.68 18.37 16.35
C ALA B 315 -3.96 17.79 14.96
N ALA B 316 -3.25 16.72 14.58
CA ALA B 316 -3.35 16.07 13.26
C ALA B 316 -4.76 15.51 13.03
N LEU B 317 -5.45 15.10 14.10
CA LEU B 317 -6.85 14.56 14.06
C LEU B 317 -7.81 15.63 13.50
N LYS B 318 -7.47 16.91 13.64
CA LYS B 318 -8.35 18.06 13.33
C LYS B 318 -8.05 18.64 11.93
N ARG B 319 -7.03 18.14 11.23
CA ARG B 319 -6.72 18.53 9.84
C ARG B 319 -7.86 18.08 8.92
N PRO B 320 -8.32 18.91 7.95
CA PRO B 320 -9.39 18.53 7.03
C PRO B 320 -9.32 17.10 6.45
N LEU B 321 -8.12 16.62 6.09
CA LEU B 321 -7.89 15.26 5.52
C LEU B 321 -8.41 14.21 6.50
N ASN B 322 -8.16 14.40 7.79
CA ASN B 322 -8.44 13.43 8.88
C ASN B 322 -9.90 13.55 9.32
N VAL B 323 -10.48 14.76 9.22
CA VAL B 323 -11.95 15.00 9.42
C VAL B 323 -12.70 14.26 8.31
N ALA B 324 -12.29 14.46 7.05
CA ALA B 324 -12.85 13.78 5.85
C ALA B 324 -12.69 12.26 6.00
N HIS B 325 -11.54 11.78 6.48
CA HIS B 325 -11.25 10.32 6.66
C HIS B 325 -12.32 9.67 7.55
N ALA B 326 -12.62 10.28 8.70
CA ALA B 326 -13.58 9.75 9.69
C ALA B 326 -14.98 9.68 9.07
N GLN B 327 -15.36 10.70 8.29
CA GLN B 327 -16.66 10.77 7.57
C GLN B 327 -16.73 9.66 6.52
N VAL B 328 -15.66 9.46 5.76
CA VAL B 328 -15.57 8.39 4.71
C VAL B 328 -15.67 7.01 5.40
N ARG B 329 -14.96 6.82 6.51
CA ARG B 329 -14.85 5.49 7.17
C ARG B 329 -16.16 5.13 7.88
N ALA B 330 -16.95 6.11 8.31
CA ALA B 330 -18.30 5.91 8.89
C ALA B 330 -19.30 5.50 7.80
N ALA B 331 -19.03 5.89 6.55
CA ALA B 331 -19.96 5.78 5.39
C ALA B 331 -19.60 4.59 4.49
N PHE B 332 -18.31 4.24 4.38
CA PHE B 332 -17.79 3.12 3.56
C PHE B 332 -17.11 2.09 4.47
N ARG B 333 -17.44 0.82 4.26
CA ARG B 333 -16.83 -0.34 4.95
C ARG B 333 -15.54 -0.70 4.21
N PHE B 334 -14.45 -0.86 4.95
CA PHE B 334 -13.10 -1.16 4.41
C PHE B 334 -12.78 -2.63 4.63
N PRO B 335 -12.23 -3.34 3.62
CA PRO B 335 -11.83 -4.75 3.78
C PRO B 335 -10.60 -4.89 4.69
N THR B 336 -10.83 -5.03 6.00
CA THR B 336 -9.78 -5.21 7.04
C THR B 336 -9.58 -6.70 7.29
N GLU B 337 -8.58 -7.05 8.10
CA GLU B 337 -8.36 -8.41 8.66
C GLU B 337 -8.53 -8.34 10.17
N ALA B 338 -9.26 -9.29 10.75
CA ALA B 338 -9.45 -9.44 12.22
C ALA B 338 -8.07 -9.53 12.89
N ALA B 339 -7.49 -8.37 13.24
CA ALA B 339 -6.17 -8.23 13.91
C ALA B 339 -6.27 -8.78 15.33
N GLY B 340 -7.50 -8.94 15.85
CA GLY B 340 -7.77 -9.75 17.04
C GLY B 340 -7.37 -11.19 16.83
N GLY B 341 -6.66 -11.78 17.79
CA GLY B 341 -6.15 -13.17 17.73
C GLY B 341 -4.78 -13.27 17.07
N LEU B 342 -4.23 -12.16 16.60
CA LEU B 342 -3.00 -12.13 15.76
C LEU B 342 -1.79 -12.67 16.56
N TYR B 343 -1.67 -12.28 17.83
CA TYR B 343 -0.49 -12.56 18.70
C TYR B 343 -0.78 -13.76 19.61
N GLN B 344 -1.85 -14.51 19.34
CA GLN B 344 -2.15 -15.81 19.99
C GLN B 344 -1.15 -16.86 19.49
N ALA B 345 -0.85 -17.86 20.33
CA ALA B 345 0.12 -18.94 20.05
C ALA B 345 -0.30 -19.69 18.78
N ALA B 346 0.65 -20.08 17.94
CA ALA B 346 0.42 -20.73 16.63
C ALA B 346 1.37 -21.93 16.43
N GLN B 347 1.21 -22.64 15.31
CA GLN B 347 2.06 -23.76 14.82
C GLN B 347 1.68 -25.05 15.57
PA NAD C . -7.99 -3.10 -20.74
O1A NAD C . -6.89 -2.37 -21.40
O2A NAD C . -7.64 -4.17 -19.79
O5B NAD C . -9.02 -3.65 -21.83
C5B NAD C . -8.69 -4.81 -22.63
C4B NAD C . -9.96 -5.35 -23.24
O4B NAD C . -10.51 -4.39 -24.18
C3B NAD C . -9.82 -6.66 -24.01
O3B NAD C . -10.98 -7.47 -23.81
C2B NAD C . -9.71 -6.19 -25.46
O2B NAD C . -10.14 -7.15 -26.40
C1B NAD C . -10.64 -4.99 -25.45
N9A NAD C . -10.35 -4.02 -26.49
C8A NAD C . -9.21 -3.29 -26.63
N7A NAD C . -9.22 -2.50 -27.67
C5A NAD C . -10.46 -2.71 -28.25
C6A NAD C . -11.07 -2.17 -29.39
N6A NAD C . -10.50 -1.26 -30.18
N1A NAD C . -12.31 -2.60 -29.69
C2A NAD C . -12.88 -3.52 -28.91
N3A NAD C . -12.39 -4.10 -27.81
C4A NAD C . -11.16 -3.66 -27.54
O3 NAD C . -8.97 -2.05 -20.06
PN NAD C . -9.52 -1.81 -18.59
O1N NAD C . -8.42 -1.26 -17.76
O2N NAD C . -10.20 -3.05 -18.13
O5D NAD C . -10.61 -0.68 -18.82
C5D NAD C . -11.96 -1.02 -19.22
C4D NAD C . -12.89 0.09 -18.80
O4D NAD C . -12.95 0.11 -17.36
C3D NAD C . -12.47 1.49 -19.24
O3D NAD C . -13.60 2.28 -19.59
C2D NAD C . -11.73 2.01 -17.99
O2D NAD C . -11.70 3.42 -17.92
C1D NAD C . -12.58 1.39 -16.88
N1N NAD C . -11.85 1.25 -15.59
C2N NAD C . -10.63 0.62 -15.53
C3N NAD C . -10.04 0.38 -14.30
C7N NAD C . -8.79 -0.46 -14.22
O7N NAD C . -8.40 -0.86 -13.13
N7N NAD C . -8.17 -0.77 -15.35
C4N NAD C . -10.64 0.87 -13.16
C5N NAD C . -11.90 1.40 -13.23
C6N NAD C . -12.41 1.72 -14.46
MG MG D . -9.77 4.88 -11.22
MG MG E . -9.48 5.48 -15.03
C8 76I F . -6.48 2.76 -12.24
C10 76I F . -5.78 3.74 -11.30
O3 76I F . -7.04 2.21 -14.82
C1 76I F . -7.88 3.11 -14.67
O2 76I F . -8.20 3.94 -15.55
C3 76I F . -8.70 3.16 -13.36
O6 76I F . -9.34 4.41 -13.22
N5 76I F . -7.94 2.77 -12.12
O7 76I F . -8.39 3.58 -10.90
C9 76I F . -5.95 1.35 -11.93
C8 76I G . 8.60 2.79 10.92
C10 76I G . 8.63 3.52 9.57
O3 76I G . 9.01 3.16 13.56
C1 76I G . 10.20 3.15 13.21
O2 76I G . 11.09 3.86 13.71
C3 76I G . 10.66 2.11 12.16
O6 76I G . 11.94 2.48 11.63
N5 76I G . 9.69 1.81 11.07
O7 76I G . 10.36 1.53 9.75
C9 76I G . 7.24 2.07 11.06
PA NAD H . 7.25 1.27 21.18
O1A NAD H . 6.93 2.70 21.40
O2A NAD H . 6.17 0.41 20.68
O5B NAD H . 7.85 0.65 22.52
C5B NAD H . 7.02 0.50 23.68
C4B NAD H . 7.73 -0.38 24.66
O4B NAD H . 8.88 0.31 25.21
C3B NAD H . 6.90 -0.84 25.86
O3B NAD H . 7.23 -2.18 26.20
C2B NAD H . 7.28 0.20 26.92
O2B NAD H . 7.13 -0.28 28.23
C1B NAD H . 8.76 0.36 26.62
N9A NAD H . 9.33 1.61 27.13
C8A NAD H . 8.95 2.88 26.80
N7A NAD H . 9.63 3.80 27.43
C5A NAD H . 10.52 3.09 28.23
C6A NAD H . 11.51 3.51 29.14
N6A NAD H . 11.78 4.77 29.40
N1A NAD H . 12.21 2.54 29.77
C2A NAD H . 11.93 1.26 29.50
N3A NAD H . 11.02 0.75 28.66
C4A NAD H . 10.34 1.73 28.05
O3 NAD H . 8.56 1.11 20.30
PN NAD H . 8.93 0.32 18.97
O1N NAD H . 8.31 1.07 17.83
O2N NAD H . 8.55 -1.11 19.13
O5D NAD H . 10.50 0.48 18.90
C5D NAD H . 11.39 -0.41 19.62
C4D NAD H . 12.72 -0.46 18.91
O4D NAD H . 12.54 -1.07 17.62
C3D NAD H . 13.39 0.89 18.66
O3D NAD H . 14.80 0.78 18.80
C2D NAD H . 12.96 1.20 17.22
O2D NAD H . 13.83 2.10 16.58
C1D NAD H . 13.02 -0.20 16.61
N1N NAD H . 12.18 -0.35 15.38
C2N NAD H . 10.83 -0.07 15.40
C3N NAD H . 10.06 -0.35 14.27
C7N NAD H . 8.56 -0.17 14.29
O7N NAD H . 7.89 -0.68 13.40
N7N NAD H . 8.04 0.53 15.28
C4N NAD H . 10.69 -0.80 13.12
C5N NAD H . 11.99 -1.23 13.20
C6N NAD H . 12.75 -0.80 14.26
MG MG I . 12.27 1.59 9.66
MG MG J . 12.95 3.75 12.78
#